data_4BMF
#
_entry.id   4BMF
#
_cell.length_a   1.000
_cell.length_b   1.000
_cell.length_c   1.000
_cell.angle_alpha   90.00
_cell.angle_beta   90.00
_cell.angle_gamma   90.00
#
_symmetry.space_group_name_H-M   'P 1'
#
_entity_poly.entity_id   1
_entity_poly.type   'polypeptide(L)'
_entity_poly.pdbx_seq_one_letter_code
;SCTQTHWGQCGGIGYSGCKTCTSGTTCQYSNDYYSQCL
;
_entity_poly.pdbx_strand_id   A
#
# COMPACT_ATOMS: atom_id res chain seq x y z
N SER A 1 11.67 4.31 3.72
CA SER A 1 10.47 3.66 3.17
C SER A 1 10.53 3.59 1.63
N CYS A 2 10.24 2.40 1.07
CA CYS A 2 10.23 2.15 -0.37
C CYS A 2 9.14 2.95 -1.12
N THR A 3 9.35 3.18 -2.42
CA THR A 3 8.29 3.54 -3.36
C THR A 3 7.60 2.22 -3.73
N GLN A 4 6.41 2.02 -3.17
CA GLN A 4 5.73 0.74 -3.12
C GLN A 4 5.16 0.38 -4.49
N THR A 5 5.29 -0.87 -4.96
CA THR A 5 4.79 -1.27 -6.29
C THR A 5 3.27 -1.24 -6.36
N HIS A 6 2.80 -1.42 -7.60
CA HIS A 6 1.43 -1.73 -7.94
C HIS A 6 1.07 -3.08 -7.31
N TRP A 7 -0.06 -3.13 -6.60
CA TRP A 7 -0.46 -4.22 -5.70
C TRP A 7 0.54 -4.29 -4.53
N GLY A 8 0.23 -3.66 -3.38
CA GLY A 8 1.16 -3.49 -2.28
C GLY A 8 0.42 -3.01 -1.03
N GLN A 9 0.47 -3.81 0.05
CA GLN A 9 -0.23 -3.56 1.31
C GLN A 9 0.39 -2.37 2.06
N CYS A 10 -0.35 -1.26 2.16
CA CYS A 10 -0.05 -0.17 3.11
C CYS A 10 -0.78 -0.45 4.43
N GLY A 11 -2.09 -0.78 4.33
CA GLY A 11 -3.03 -1.03 5.42
C GLY A 11 -2.49 -1.75 6.65
N GLY A 12 -1.93 -2.96 6.47
CA GLY A 12 -1.60 -3.90 7.55
C GLY A 12 -0.69 -3.27 8.60
N ILE A 13 -1.14 -3.26 9.87
CA ILE A 13 -0.42 -2.72 11.02
C ILE A 13 0.62 -3.77 11.43
N GLY A 14 1.71 -3.83 10.64
CA GLY A 14 2.62 -5.01 10.62
C GLY A 14 3.62 -4.88 9.46
N TYR A 15 3.14 -4.41 8.30
CA TYR A 15 3.87 -4.26 7.05
C TYR A 15 5.19 -3.49 7.19
N SER A 16 6.14 -3.77 6.28
CA SER A 16 7.48 -3.18 6.26
C SER A 16 7.48 -1.77 5.66
N GLY A 17 6.89 -0.81 6.40
CA GLY A 17 7.09 0.63 6.21
C GLY A 17 6.25 1.25 5.10
N CYS A 18 6.51 0.88 3.84
CA CYS A 18 6.10 1.61 2.65
C CYS A 18 4.60 1.55 2.38
N LYS A 19 3.99 2.74 2.36
CA LYS A 19 2.61 3.00 1.97
C LYS A 19 2.49 3.67 0.60
N THR A 20 3.52 4.42 0.17
CA THR A 20 3.53 5.28 -1.02
C THR A 20 3.58 4.41 -2.29
N CYS A 21 2.40 3.99 -2.76
CA CYS A 21 2.16 3.34 -4.06
C CYS A 21 2.78 4.15 -5.21
N THR A 22 3.34 3.47 -6.22
CA THR A 22 4.09 4.09 -7.31
C THR A 22 3.16 4.91 -8.22
N SER A 23 3.73 5.65 -9.17
CA SER A 23 3.00 6.50 -10.11
C SER A 23 1.94 5.69 -10.88
N GLY A 24 0.69 6.16 -10.87
CA GLY A 24 -0.48 5.47 -11.39
C GLY A 24 -1.34 4.85 -10.29
N THR A 25 -0.71 4.33 -9.23
CA THR A 25 -1.35 3.59 -8.13
C THR A 25 -1.40 4.44 -6.86
N THR A 26 -2.54 4.37 -6.15
CA THR A 26 -2.76 4.87 -4.79
C THR A 26 -3.34 3.73 -3.92
N CYS A 27 -3.11 3.79 -2.60
CA CYS A 27 -3.44 2.72 -1.67
C CYS A 27 -4.96 2.68 -1.42
N GLN A 28 -5.66 1.85 -2.20
CA GLN A 28 -7.10 1.66 -2.21
C GLN A 28 -7.54 0.71 -1.09
N TYR A 29 -8.53 1.17 -0.31
CA TYR A 29 -9.01 0.54 0.92
C TYR A 29 -10.03 -0.56 0.60
N SER A 30 -9.91 -1.71 1.30
CA SER A 30 -10.91 -2.76 1.36
C SER A 30 -11.22 -3.02 2.85
N ASN A 31 -10.25 -3.60 3.57
CA ASN A 31 -10.20 -3.67 5.03
C ASN A 31 -9.20 -2.64 5.58
N ASP A 32 -9.23 -2.46 6.91
CA ASP A 32 -8.25 -1.71 7.68
C ASP A 32 -6.83 -2.27 7.46
N TYR A 33 -6.67 -3.59 7.65
CA TYR A 33 -5.39 -4.29 7.53
C TYR A 33 -5.04 -4.63 6.08
N TYR A 34 -6.02 -4.74 5.18
CA TYR A 34 -5.84 -4.95 3.74
C TYR A 34 -6.28 -3.70 2.98
N SER A 35 -5.36 -2.72 2.84
CA SER A 35 -5.46 -1.59 1.91
C SER A 35 -4.30 -1.72 0.92
N GLN A 36 -4.62 -1.82 -0.38
CA GLN A 36 -3.71 -2.27 -1.44
C GLN A 36 -3.56 -1.22 -2.55
N CYS A 37 -2.33 -1.08 -3.08
CA CYS A 37 -2.00 -0.23 -4.23
C CYS A 37 -2.74 -0.68 -5.48
N LEU A 38 -3.60 0.17 -6.05
CA LEU A 38 -4.39 -0.09 -7.25
C LEU A 38 -4.57 1.18 -8.07
N SER A 1 11.37 5.51 2.16
CA SER A 1 10.31 4.57 1.77
C SER A 1 10.40 4.19 0.29
N CYS A 2 10.32 2.89 0.01
CA CYS A 2 10.34 2.30 -1.33
C CYS A 2 9.20 2.81 -2.22
N THR A 3 9.47 2.97 -3.52
CA THR A 3 8.48 3.27 -4.56
C THR A 3 7.76 1.95 -4.85
N GLN A 4 6.63 1.78 -4.15
CA GLN A 4 5.94 0.53 -3.93
C GLN A 4 5.18 0.14 -5.20
N THR A 5 5.32 -1.10 -5.68
CA THR A 5 4.71 -1.53 -6.94
C THR A 5 3.19 -1.50 -6.86
N HIS A 6 2.61 -1.67 -8.05
CA HIS A 6 1.19 -1.88 -8.23
C HIS A 6 0.82 -3.22 -7.58
N TRP A 7 -0.16 -3.16 -6.67
CA TRP A 7 -0.46 -4.22 -5.70
C TRP A 7 0.73 -4.36 -4.73
N GLY A 8 0.63 -3.75 -3.55
CA GLY A 8 1.72 -3.51 -2.62
C GLY A 8 1.14 -2.85 -1.40
N GLN A 9 1.26 -3.51 -0.23
CA GLN A 9 0.59 -3.10 0.97
C GLN A 9 1.10 -1.72 1.42
N CYS A 10 0.19 -0.90 1.95
CA CYS A 10 0.40 0.50 2.32
C CYS A 10 -0.38 0.89 3.59
N GLY A 11 -0.80 -0.10 4.39
CA GLY A 11 -1.53 0.08 5.64
C GLY A 11 -1.98 -1.27 6.20
N GLY A 12 -1.89 -1.40 7.53
CA GLY A 12 -2.21 -2.60 8.28
C GLY A 12 -1.57 -2.58 9.67
N ILE A 13 -2.24 -3.22 10.64
CA ILE A 13 -1.78 -3.35 12.02
C ILE A 13 -0.80 -4.53 12.08
N GLY A 14 0.35 -4.37 11.41
CA GLY A 14 1.29 -5.50 11.13
C GLY A 14 2.40 -5.02 10.19
N TYR A 15 1.99 -4.49 9.02
CA TYR A 15 2.87 -4.06 7.93
C TYR A 15 3.77 -2.89 8.37
N SER A 16 5.06 -2.97 8.04
CA SER A 16 6.08 -1.96 8.30
C SER A 16 6.94 -1.81 7.04
N GLY A 17 6.41 -1.08 6.04
CA GLY A 17 7.07 -0.82 4.78
C GLY A 17 6.43 0.35 4.02
N CYS A 18 6.79 0.50 2.74
CA CYS A 18 6.35 1.57 1.86
C CYS A 18 4.82 1.68 1.71
N LYS A 19 4.30 2.88 2.04
CA LYS A 19 2.98 3.34 1.66
C LYS A 19 2.94 3.88 0.22
N THR A 20 3.97 4.66 -0.17
CA THR A 20 4.08 5.39 -1.43
C THR A 20 4.00 4.45 -2.66
N CYS A 21 2.79 4.25 -3.19
CA CYS A 21 2.46 3.53 -4.43
C CYS A 21 3.14 4.19 -5.64
N THR A 22 3.44 3.40 -6.70
CA THR A 22 4.15 3.89 -7.88
C THR A 22 3.20 4.69 -8.79
N SER A 23 3.75 5.24 -9.88
CA SER A 23 3.02 6.01 -10.88
C SER A 23 1.86 5.19 -11.47
N GLY A 24 0.64 5.75 -11.41
CA GLY A 24 -0.60 5.10 -11.83
C GLY A 24 -1.41 4.49 -10.68
N THR A 25 -0.77 4.20 -9.54
CA THR A 25 -1.37 3.57 -8.36
C THR A 25 -1.39 4.55 -7.18
N THR A 26 -2.48 4.50 -6.40
CA THR A 26 -2.68 5.23 -5.16
C THR A 26 -3.06 4.23 -4.05
N CYS A 27 -2.72 4.56 -2.79
CA CYS A 27 -2.99 3.69 -1.64
C CYS A 27 -4.50 3.66 -1.37
N GLN A 28 -5.13 2.52 -1.71
CA GLN A 28 -6.55 2.24 -1.59
C GLN A 28 -6.81 1.30 -0.40
N TYR A 29 -8.10 1.05 -0.15
CA TYR A 29 -8.62 0.40 1.05
C TYR A 29 -9.62 -0.70 0.67
N SER A 30 -9.51 -1.87 1.33
CA SER A 30 -10.51 -2.94 1.28
C SER A 30 -11.06 -3.11 2.70
N ASN A 31 -10.30 -3.81 3.56
CA ASN A 31 -10.50 -3.88 5.01
C ASN A 31 -9.42 -3.08 5.76
N ASP A 32 -9.54 -3.02 7.10
CA ASP A 32 -8.68 -2.23 7.98
C ASP A 32 -7.22 -2.70 7.96
N TYR A 33 -7.00 -4.03 8.02
CA TYR A 33 -5.67 -4.64 8.02
C TYR A 33 -5.02 -4.59 6.63
N TYR A 34 -5.82 -4.59 5.54
CA TYR A 34 -5.36 -4.66 4.16
C TYR A 34 -5.69 -3.35 3.42
N SER A 35 -4.78 -2.37 3.50
CA SER A 35 -4.76 -1.20 2.62
C SER A 35 -3.69 -1.48 1.54
N GLN A 36 -4.03 -1.37 0.25
CA GLN A 36 -3.21 -1.83 -0.87
C GLN A 36 -3.14 -0.80 -2.01
N CYS A 37 -1.99 -0.73 -2.69
CA CYS A 37 -1.72 0.11 -3.86
C CYS A 37 -2.50 -0.38 -5.09
N LEU A 38 -3.36 0.49 -5.64
CA LEU A 38 -4.30 0.21 -6.73
C LEU A 38 -4.52 1.48 -7.57
N SER A 1 11.64 4.15 3.75
CA SER A 1 10.65 3.21 3.18
C SER A 1 10.73 3.16 1.65
N CYS A 2 10.41 1.99 1.06
CA CYS A 2 10.36 1.74 -0.38
C CYS A 2 9.24 2.56 -1.08
N THR A 3 9.27 2.61 -2.42
CA THR A 3 8.14 3.00 -3.26
C THR A 3 7.60 1.69 -3.85
N GLN A 4 6.36 1.33 -3.50
CA GLN A 4 5.81 0.01 -3.81
C GLN A 4 5.16 0.05 -5.20
N THR A 5 5.30 -1.02 -5.99
CA THR A 5 4.69 -1.10 -7.33
C THR A 5 3.16 -1.11 -7.24
N HIS A 6 2.57 -1.18 -8.42
CA HIS A 6 1.15 -1.46 -8.60
C HIS A 6 0.87 -2.85 -8.01
N TRP A 7 -0.11 -2.91 -7.10
CA TRP A 7 -0.36 -4.02 -6.18
C TRP A 7 0.81 -4.08 -5.17
N GLY A 8 0.61 -3.53 -3.97
CA GLY A 8 1.61 -3.41 -2.90
C GLY A 8 0.91 -2.82 -1.67
N GLN A 9 0.99 -3.52 -0.54
CA GLN A 9 0.23 -3.20 0.66
C GLN A 9 0.57 -1.81 1.22
N CYS A 10 -0.39 -1.19 1.90
CA CYS A 10 -0.27 0.12 2.54
C CYS A 10 -0.95 0.14 3.92
N GLY A 11 -2.03 -0.64 4.11
CA GLY A 11 -2.66 -0.84 5.43
C GLY A 11 -1.84 -1.80 6.30
N GLY A 12 -2.40 -2.21 7.44
CA GLY A 12 -1.82 -3.17 8.36
C GLY A 12 -1.13 -2.46 9.52
N ILE A 13 -1.62 -2.68 10.74
CA ILE A 13 -1.10 -2.13 11.99
C ILE A 13 0.16 -2.93 12.35
N GLY A 14 1.30 -2.56 11.74
CA GLY A 14 2.59 -3.26 11.89
C GLY A 14 3.05 -3.88 10.55
N TYR A 15 2.79 -3.19 9.43
CA TYR A 15 3.25 -3.56 8.08
C TYR A 15 4.64 -2.94 7.80
N SER A 16 5.38 -3.56 6.87
CA SER A 16 6.67 -3.05 6.38
C SER A 16 6.39 -1.84 5.47
N GLY A 17 6.33 -0.65 6.10
CA GLY A 17 5.46 0.44 5.67
C GLY A 17 6.00 1.33 4.56
N CYS A 18 6.27 0.76 3.37
CA CYS A 18 6.13 1.44 2.11
C CYS A 18 4.68 1.49 1.64
N LYS A 19 3.92 2.42 2.24
CA LYS A 19 2.58 2.82 1.81
C LYS A 19 2.57 3.57 0.46
N THR A 20 3.72 4.14 0.06
CA THR A 20 3.87 5.00 -1.11
C THR A 20 3.74 4.17 -2.40
N CYS A 21 2.53 4.14 -2.97
CA CYS A 21 2.19 3.55 -4.26
C CYS A 21 2.95 4.25 -5.39
N THR A 22 3.29 3.53 -6.49
CA THR A 22 4.07 4.09 -7.59
C THR A 22 3.21 5.04 -8.44
N SER A 23 3.85 5.75 -9.37
CA SER A 23 3.19 6.63 -10.34
C SER A 23 2.32 5.78 -11.29
N GLY A 24 1.00 5.74 -11.02
CA GLY A 24 0.03 4.87 -11.66
C GLY A 24 -0.98 4.26 -10.66
N THR A 25 -0.68 4.29 -9.36
CA THR A 25 -1.48 3.72 -8.28
C THR A 25 -1.54 4.66 -7.07
N THR A 26 -2.67 4.58 -6.33
CA THR A 26 -2.89 5.15 -5.02
C THR A 26 -3.41 4.08 -4.04
N CYS A 27 -3.22 4.31 -2.74
CA CYS A 27 -3.51 3.38 -1.65
C CYS A 27 -5.03 3.30 -1.43
N GLN A 28 -5.66 2.27 -2.01
CA GLN A 28 -7.09 1.96 -1.95
C GLN A 28 -7.37 1.00 -0.80
N TYR A 29 -8.44 1.29 -0.04
CA TYR A 29 -8.87 0.55 1.14
C TYR A 29 -9.71 -0.67 0.73
N SER A 30 -9.45 -1.83 1.36
CA SER A 30 -10.28 -3.03 1.29
C SER A 30 -10.71 -3.39 2.72
N ASN A 31 -9.77 -3.94 3.50
CA ASN A 31 -9.89 -4.19 4.94
C ASN A 31 -9.11 -3.13 5.73
N ASP A 32 -9.35 -3.10 7.06
CA ASP A 32 -8.58 -2.35 8.04
C ASP A 32 -7.10 -2.71 7.99
N TYR A 33 -6.79 -4.02 8.08
CA TYR A 33 -5.43 -4.55 8.14
C TYR A 33 -4.81 -4.76 6.75
N TYR A 34 -5.62 -4.99 5.72
CA TYR A 34 -5.16 -5.07 4.33
C TYR A 34 -5.74 -3.93 3.49
N SER A 35 -4.92 -2.91 3.20
CA SER A 35 -5.17 -1.91 2.14
C SER A 35 -4.05 -2.02 1.10
N GLN A 36 -4.33 -1.70 -0.18
CA GLN A 36 -3.46 -2.02 -1.31
C GLN A 36 -3.38 -0.88 -2.34
N CYS A 37 -2.21 -0.75 -2.98
CA CYS A 37 -1.92 0.15 -4.09
C CYS A 37 -2.58 -0.36 -5.37
N LEU A 38 -3.62 0.36 -5.86
CA LEU A 38 -4.48 -0.05 -6.98
C LEU A 38 -4.80 1.15 -7.88
N SER A 1 11.62 5.65 1.84
CA SER A 1 10.75 4.47 1.66
C SER A 1 10.64 4.03 0.19
N CYS A 2 10.46 2.71 0.00
CA CYS A 2 10.41 2.06 -1.30
C CYS A 2 9.26 2.60 -2.19
N THR A 3 9.54 2.83 -3.48
CA THR A 3 8.54 3.18 -4.50
C THR A 3 7.79 1.89 -4.84
N GLN A 4 6.68 1.69 -4.12
CA GLN A 4 5.99 0.43 -3.94
C GLN A 4 5.13 0.13 -5.17
N THR A 5 5.25 -1.08 -5.75
CA THR A 5 4.60 -1.39 -7.02
C THR A 5 3.08 -1.37 -6.89
N HIS A 6 2.46 -1.47 -8.06
CA HIS A 6 1.03 -1.68 -8.21
C HIS A 6 0.70 -3.05 -7.60
N TRP A 7 -0.23 -3.03 -6.65
CA TRP A 7 -0.51 -4.13 -5.72
C TRP A 7 0.70 -4.29 -4.78
N GLY A 8 0.58 -3.74 -3.57
CA GLY A 8 1.69 -3.54 -2.64
C GLY A 8 1.10 -2.91 -1.38
N GLN A 9 1.19 -3.63 -0.24
CA GLN A 9 0.53 -3.22 0.98
C GLN A 9 1.08 -1.88 1.46
N CYS A 10 0.20 -1.04 2.03
CA CYS A 10 0.48 0.33 2.44
C CYS A 10 -0.10 0.61 3.83
N GLY A 11 -1.32 0.10 4.09
CA GLY A 11 -2.01 0.16 5.37
C GLY A 11 -2.22 -1.24 5.93
N GLY A 12 -2.01 -1.41 7.24
CA GLY A 12 -2.17 -2.68 7.95
C GLY A 12 -1.45 -2.65 9.30
N ILE A 13 -2.09 -3.17 10.35
CA ILE A 13 -1.57 -3.26 11.70
C ILE A 13 -0.68 -4.52 11.79
N GLY A 14 0.45 -4.50 11.08
CA GLY A 14 1.32 -5.69 10.89
C GLY A 14 2.49 -5.29 9.98
N TYR A 15 2.14 -4.88 8.75
CA TYR A 15 3.06 -4.39 7.72
C TYR A 15 3.70 -3.06 8.19
N SER A 16 5.04 -2.97 8.07
CA SER A 16 5.84 -1.82 8.43
C SER A 16 6.83 -1.55 7.29
N GLY A 17 6.34 -0.96 6.19
CA GLY A 17 7.11 -0.66 4.99
C GLY A 17 6.44 0.44 4.16
N CYS A 18 6.85 0.54 2.89
CA CYS A 18 6.39 1.51 1.93
C CYS A 18 4.86 1.59 1.78
N LYS A 19 4.32 2.78 2.07
CA LYS A 19 2.98 3.22 1.72
C LYS A 19 2.94 3.94 0.36
N THR A 20 4.04 4.61 -0.04
CA THR A 20 4.21 5.35 -1.29
C THR A 20 4.11 4.42 -2.51
N CYS A 21 2.87 4.23 -3.00
CA CYS A 21 2.49 3.54 -4.24
C CYS A 21 3.15 4.21 -5.45
N THR A 22 3.44 3.44 -6.52
CA THR A 22 4.14 3.93 -7.70
C THR A 22 3.21 4.78 -8.57
N SER A 23 3.77 5.43 -9.61
CA SER A 23 3.02 6.22 -10.58
C SER A 23 1.95 5.36 -11.28
N GLY A 24 0.67 5.74 -11.12
CA GLY A 24 -0.49 5.00 -11.59
C GLY A 24 -1.35 4.44 -10.45
N THR A 25 -0.78 4.24 -9.26
CA THR A 25 -1.41 3.67 -8.08
C THR A 25 -1.36 4.65 -6.89
N THR A 26 -2.42 4.62 -6.07
CA THR A 26 -2.55 5.31 -4.79
C THR A 26 -2.93 4.29 -3.71
N CYS A 27 -2.57 4.58 -2.44
CA CYS A 27 -2.87 3.70 -1.31
C CYS A 27 -4.39 3.70 -1.06
N GLN A 28 -5.02 2.55 -1.34
CA GLN A 28 -6.46 2.31 -1.26
C GLN A 28 -6.82 1.38 -0.09
N TYR A 29 -8.13 1.18 0.07
CA TYR A 29 -8.75 0.40 1.13
C TYR A 29 -9.48 -0.81 0.52
N SER A 30 -9.28 -2.00 1.11
CA SER A 30 -10.08 -3.19 0.88
C SER A 30 -10.63 -3.65 2.24
N ASN A 31 -9.74 -4.17 3.10
CA ASN A 31 -9.94 -4.34 4.54
C ASN A 31 -9.16 -3.27 5.31
N ASP A 32 -9.47 -3.16 6.61
CA ASP A 32 -8.71 -2.38 7.60
C ASP A 32 -7.25 -2.85 7.66
N TYR A 33 -7.04 -4.16 7.86
CA TYR A 33 -5.74 -4.79 7.96
C TYR A 33 -5.05 -4.92 6.59
N TYR A 34 -5.81 -5.09 5.50
CA TYR A 34 -5.30 -5.19 4.13
C TYR A 34 -5.74 -3.97 3.31
N SER A 35 -4.97 -2.87 3.43
CA SER A 35 -5.08 -1.66 2.63
C SER A 35 -3.87 -1.60 1.68
N GLN A 36 -4.13 -1.48 0.37
CA GLN A 36 -3.22 -1.86 -0.72
C GLN A 36 -3.14 -0.80 -1.82
N CYS A 37 -1.99 -0.72 -2.50
CA CYS A 37 -1.73 0.15 -3.65
C CYS A 37 -2.53 -0.29 -4.88
N LEU A 38 -3.44 0.57 -5.36
CA LEU A 38 -4.35 0.32 -6.46
C LEU A 38 -4.62 1.61 -7.25
N SER A 1 12.40 3.99 2.34
CA SER A 1 11.60 2.83 1.91
C SER A 1 11.38 2.79 0.38
N CYS A 2 10.95 1.64 -0.14
CA CYS A 2 10.74 1.38 -1.56
C CYS A 2 9.67 2.29 -2.18
N THR A 3 9.76 2.55 -3.50
CA THR A 3 8.66 3.04 -4.32
C THR A 3 7.87 1.81 -4.75
N GLN A 4 6.70 1.60 -4.13
CA GLN A 4 6.03 0.31 -4.07
C GLN A 4 5.29 0.06 -5.38
N THR A 5 5.36 -1.15 -5.96
CA THR A 5 4.61 -1.46 -7.18
C THR A 5 3.10 -1.38 -6.96
N HIS A 6 2.43 -1.47 -8.11
CA HIS A 6 0.98 -1.66 -8.21
C HIS A 6 0.63 -2.99 -7.55
N TRP A 7 -0.38 -2.96 -6.69
CA TRP A 7 -0.74 -4.06 -5.78
C TRP A 7 0.37 -4.24 -4.73
N GLY A 8 0.18 -3.67 -3.53
CA GLY A 8 1.21 -3.51 -2.51
C GLY A 8 0.60 -2.90 -1.25
N GLN A 9 0.59 -3.68 -0.15
CA GLN A 9 0.08 -3.29 1.15
C GLN A 9 0.74 -2.00 1.66
N CYS A 10 -0.02 -1.17 2.39
CA CYS A 10 0.42 0.15 2.87
C CYS A 10 -0.12 0.45 4.28
N GLY A 11 -1.30 -0.09 4.64
CA GLY A 11 -2.09 0.26 5.80
C GLY A 11 -2.57 -1.00 6.50
N GLY A 12 -1.78 -1.47 7.47
CA GLY A 12 -2.11 -2.59 8.34
C GLY A 12 -1.63 -2.36 9.77
N ILE A 13 -2.34 -2.97 10.74
CA ILE A 13 -2.02 -2.94 12.15
C ILE A 13 -0.83 -3.88 12.36
N GLY A 14 0.39 -3.32 12.26
CA GLY A 14 1.65 -4.11 12.19
C GLY A 14 2.47 -3.67 10.98
N TYR A 15 1.87 -3.73 9.78
CA TYR A 15 2.51 -3.36 8.52
C TYR A 15 2.83 -1.86 8.48
N SER A 16 4.04 -1.50 8.04
CA SER A 16 4.49 -0.14 7.80
C SER A 16 5.12 -0.09 6.40
N GLY A 17 6.42 -0.42 6.30
CA GLY A 17 7.14 -0.59 5.04
C GLY A 17 7.01 0.59 4.08
N CYS A 18 7.18 0.29 2.79
CA CYS A 18 6.87 1.16 1.69
C CYS A 18 5.36 1.31 1.49
N LYS A 19 4.76 2.31 2.17
CA LYS A 19 3.37 2.71 2.00
C LYS A 19 3.12 3.39 0.63
N THR A 20 4.13 4.11 0.12
CA THR A 20 4.07 4.93 -1.09
C THR A 20 4.01 4.04 -2.34
N CYS A 21 2.84 4.01 -3.01
CA CYS A 21 2.63 3.46 -4.36
C CYS A 21 3.59 4.05 -5.41
N THR A 22 3.61 3.43 -6.61
CA THR A 22 4.26 3.95 -7.81
C THR A 22 3.25 4.82 -8.59
N SER A 23 3.71 5.45 -9.68
CA SER A 23 2.90 6.29 -10.55
C SER A 23 1.73 5.51 -11.17
N GLY A 24 0.55 6.14 -11.22
CA GLY A 24 -0.72 5.53 -11.67
C GLY A 24 -1.56 5.02 -10.50
N THR A 25 -0.90 4.44 -9.49
CA THR A 25 -1.50 3.85 -8.30
C THR A 25 -1.41 4.82 -7.11
N THR A 26 -2.51 4.98 -6.35
CA THR A 26 -2.57 5.66 -5.06
C THR A 26 -3.26 4.72 -4.06
N CYS A 27 -2.71 4.58 -2.83
CA CYS A 27 -3.11 3.48 -1.96
C CYS A 27 -4.58 3.55 -1.54
N GLN A 28 -5.30 2.44 -1.78
CA GLN A 28 -6.73 2.25 -1.60
C GLN A 28 -7.01 1.26 -0.47
N TYR A 29 -8.29 1.13 -0.13
CA TYR A 29 -8.79 0.32 0.98
C TYR A 29 -9.46 -0.95 0.43
N SER A 30 -9.11 -2.12 0.99
CA SER A 30 -9.80 -3.38 0.79
C SER A 30 -10.31 -3.85 2.16
N ASN A 31 -9.41 -4.35 3.01
CA ASN A 31 -9.63 -4.67 4.42
C ASN A 31 -9.02 -3.60 5.33
N ASP A 32 -9.35 -3.66 6.63
CA ASP A 32 -8.71 -2.90 7.71
C ASP A 32 -7.19 -3.15 7.73
N TYR A 33 -6.80 -4.42 7.81
CA TYR A 33 -5.41 -4.86 7.88
C TYR A 33 -4.71 -4.75 6.52
N TYR A 34 -5.44 -4.93 5.40
CA TYR A 34 -4.89 -4.90 4.05
C TYR A 34 -5.44 -3.68 3.29
N SER A 35 -4.76 -2.53 3.38
CA SER A 35 -5.00 -1.36 2.54
C SER A 35 -4.00 -1.44 1.38
N GLN A 36 -4.46 -1.82 0.18
CA GLN A 36 -3.64 -2.22 -0.96
C GLN A 36 -3.41 -1.06 -1.95
N CYS A 37 -2.22 -1.03 -2.57
CA CYS A 37 -1.84 -0.08 -3.62
C CYS A 37 -2.61 -0.39 -4.93
N LEU A 38 -3.42 0.56 -5.43
CA LEU A 38 -4.33 0.36 -6.56
C LEU A 38 -4.52 1.65 -7.37
N SER A 1 11.55 4.98 2.90
CA SER A 1 10.55 3.94 2.60
C SER A 1 10.47 3.65 1.10
N CYS A 2 10.20 2.38 0.78
CA CYS A 2 10.10 1.84 -0.57
C CYS A 2 8.98 2.51 -1.39
N THR A 3 9.25 2.85 -2.66
CA THR A 3 8.25 3.30 -3.62
C THR A 3 7.52 2.04 -4.10
N GLN A 4 6.36 1.78 -3.48
CA GLN A 4 5.72 0.47 -3.46
C GLN A 4 5.09 0.19 -4.82
N THR A 5 5.35 -0.99 -5.44
CA THR A 5 4.79 -1.33 -6.75
C THR A 5 3.26 -1.34 -6.74
N HIS A 6 2.74 -1.37 -7.96
CA HIS A 6 1.33 -1.61 -8.25
C HIS A 6 0.96 -3.01 -7.74
N TRP A 7 -0.10 -3.07 -6.94
CA TRP A 7 -0.48 -4.22 -6.11
C TRP A 7 0.59 -4.43 -5.02
N GLY A 8 0.35 -3.93 -3.81
CA GLY A 8 1.32 -3.89 -2.72
C GLY A 8 0.62 -3.42 -1.46
N GLN A 9 0.63 -4.24 -0.40
CA GLN A 9 -0.06 -3.98 0.85
C GLN A 9 0.52 -2.71 1.51
N CYS A 10 -0.23 -1.60 1.40
CA CYS A 10 0.10 -0.31 1.97
C CYS A 10 -0.45 -0.15 3.39
N GLY A 11 -1.65 -0.71 3.66
CA GLY A 11 -2.27 -0.75 4.99
C GLY A 11 -1.63 -1.83 5.87
N GLY A 12 -2.14 -1.97 7.11
CA GLY A 12 -1.66 -2.95 8.08
C GLY A 12 -0.90 -2.24 9.20
N ILE A 13 -1.39 -2.40 10.44
CA ILE A 13 -0.80 -1.85 11.66
C ILE A 13 0.41 -2.74 12.01
N GLY A 14 1.53 -2.50 11.33
CA GLY A 14 2.77 -3.31 11.45
C GLY A 14 3.22 -3.88 10.10
N TYR A 15 2.85 -3.26 8.97
CA TYR A 15 3.35 -3.60 7.63
C TYR A 15 4.86 -3.28 7.50
N SER A 16 5.50 -3.91 6.50
CA SER A 16 6.93 -3.74 6.18
C SER A 16 7.19 -2.40 5.47
N GLY A 17 7.02 -1.29 6.21
CA GLY A 17 7.47 0.05 5.83
C GLY A 17 6.50 0.77 4.88
N CYS A 18 6.57 0.44 3.58
CA CYS A 18 6.06 1.25 2.50
C CYS A 18 4.54 1.21 2.35
N LYS A 19 3.92 2.40 2.47
CA LYS A 19 2.54 2.68 2.10
C LYS A 19 2.46 3.45 0.76
N THR A 20 3.53 4.17 0.38
CA THR A 20 3.62 5.04 -0.78
C THR A 20 3.59 4.22 -2.07
N CYS A 21 2.38 4.04 -2.64
CA CYS A 21 2.11 3.43 -3.95
C CYS A 21 2.81 4.21 -5.07
N THR A 22 3.30 3.52 -6.12
CA THR A 22 4.07 4.13 -7.20
C THR A 22 3.15 4.96 -8.12
N SER A 23 3.76 5.70 -9.07
CA SER A 23 3.05 6.55 -10.02
C SER A 23 2.08 5.72 -10.86
N GLY A 24 0.79 6.10 -10.85
CA GLY A 24 -0.33 5.35 -11.42
C GLY A 24 -1.24 4.78 -10.34
N THR A 25 -0.68 4.34 -9.21
CA THR A 25 -1.40 3.68 -8.11
C THR A 25 -1.47 4.58 -6.86
N THR A 26 -2.60 4.50 -6.16
CA THR A 26 -2.83 5.06 -4.84
C THR A 26 -3.38 3.98 -3.89
N CYS A 27 -3.24 4.19 -2.58
CA CYS A 27 -3.49 3.23 -1.52
C CYS A 27 -5.01 3.09 -1.27
N GLN A 28 -5.64 2.11 -1.94
CA GLN A 28 -7.06 1.83 -1.95
C GLN A 28 -7.45 0.84 -0.84
N TYR A 29 -8.50 1.19 -0.08
CA TYR A 29 -9.01 0.46 1.07
C TYR A 29 -9.80 -0.79 0.63
N SER A 30 -9.55 -1.93 1.28
CA SER A 30 -10.38 -3.13 1.23
C SER A 30 -10.78 -3.47 2.67
N ASN A 31 -9.82 -3.96 3.47
CA ASN A 31 -9.89 -4.05 4.93
C ASN A 31 -9.07 -2.93 5.58
N ASP A 32 -9.24 -2.77 6.90
CA ASP A 32 -8.42 -1.93 7.76
C ASP A 32 -6.95 -2.34 7.69
N TYR A 33 -6.66 -3.63 7.93
CA TYR A 33 -5.31 -4.18 7.95
C TYR A 33 -4.76 -4.45 6.54
N TYR A 34 -5.62 -4.72 5.56
CA TYR A 34 -5.26 -4.92 4.16
C TYR A 34 -5.83 -3.77 3.31
N SER A 35 -5.04 -2.69 3.17
CA SER A 35 -5.21 -1.69 2.11
C SER A 35 -4.11 -1.96 1.06
N GLN A 36 -4.44 -1.82 -0.24
CA GLN A 36 -3.57 -2.22 -1.36
C GLN A 36 -3.44 -1.10 -2.40
N CYS A 37 -2.26 -1.02 -3.02
CA CYS A 37 -1.93 -0.11 -4.11
C CYS A 37 -2.63 -0.54 -5.40
N LEU A 38 -3.57 0.27 -5.91
CA LEU A 38 -4.41 -0.04 -7.07
C LEU A 38 -4.66 1.23 -7.91
N SER A 1 11.95 4.32 2.93
CA SER A 1 10.71 3.79 2.35
C SER A 1 10.84 3.59 0.84
N CYS A 2 10.62 2.35 0.36
CA CYS A 2 10.60 1.98 -1.04
C CYS A 2 9.51 2.70 -1.85
N THR A 3 9.68 2.73 -3.18
CA THR A 3 8.62 3.03 -4.14
C THR A 3 7.92 1.70 -4.44
N GLN A 4 6.76 1.51 -3.81
CA GLN A 4 6.09 0.23 -3.61
C GLN A 4 5.13 -0.01 -4.79
N THR A 5 5.21 -1.18 -5.44
CA THR A 5 4.56 -1.41 -6.74
C THR A 5 3.04 -1.38 -6.68
N HIS A 6 2.47 -1.45 -7.89
CA HIS A 6 1.07 -1.71 -8.14
C HIS A 6 0.71 -3.05 -7.51
N TRP A 7 -0.33 -3.04 -6.66
CA TRP A 7 -0.67 -4.13 -5.74
C TRP A 7 0.45 -4.27 -4.69
N GLY A 8 0.27 -3.67 -3.51
CA GLY A 8 1.29 -3.55 -2.47
C GLY A 8 0.62 -3.00 -1.21
N GLN A 9 0.56 -3.82 -0.15
CA GLN A 9 -0.15 -3.55 1.10
C GLN A 9 0.51 -2.36 1.81
N CYS A 10 -0.16 -1.22 1.75
CA CYS A 10 0.30 0.08 2.21
C CYS A 10 -0.15 0.33 3.66
N GLY A 11 -1.47 0.26 3.92
CA GLY A 11 -2.08 0.75 5.15
C GLY A 11 -2.64 -0.38 6.02
N GLY A 12 -1.74 -1.11 6.72
CA GLY A 12 -2.07 -2.28 7.53
C GLY A 12 -1.31 -2.26 8.86
N ILE A 13 -1.98 -2.70 9.93
CA ILE A 13 -1.45 -2.74 11.30
C ILE A 13 -0.61 -4.01 11.47
N GLY A 14 0.54 -4.06 10.78
CA GLY A 14 1.41 -5.25 10.70
C GLY A 14 2.60 -4.91 9.80
N TYR A 15 2.31 -4.59 8.53
CA TYR A 15 3.25 -4.08 7.53
C TYR A 15 3.71 -2.68 7.95
N SER A 16 5.04 -2.48 8.05
CA SER A 16 5.66 -1.22 8.45
C SER A 16 6.87 -0.94 7.55
N GLY A 17 6.64 -0.22 6.44
CA GLY A 17 7.69 0.26 5.55
C GLY A 17 7.12 1.26 4.55
N CYS A 18 7.03 0.85 3.29
CA CYS A 18 6.59 1.65 2.15
C CYS A 18 5.08 1.60 1.91
N LYS A 19 4.39 2.69 2.30
CA LYS A 19 3.04 3.02 1.88
C LYS A 19 3.02 3.40 0.39
N THR A 20 3.98 4.26 -0.03
CA THR A 20 3.99 5.03 -1.26
C THR A 20 3.94 4.13 -2.51
N CYS A 21 2.77 4.07 -3.17
CA CYS A 21 2.57 3.52 -4.50
C CYS A 21 3.57 4.07 -5.54
N THR A 22 3.75 3.33 -6.64
CA THR A 22 4.39 3.85 -7.86
C THR A 22 3.36 4.70 -8.65
N SER A 23 3.83 5.37 -9.70
CA SER A 23 2.99 6.24 -10.54
C SER A 23 1.86 5.45 -11.22
N GLY A 24 0.66 6.06 -11.26
CA GLY A 24 -0.57 5.44 -11.75
C GLY A 24 -1.44 4.91 -10.59
N THR A 25 -0.81 4.31 -9.58
CA THR A 25 -1.47 3.66 -8.43
C THR A 25 -1.47 4.60 -7.21
N THR A 26 -2.54 4.51 -6.40
CA THR A 26 -2.73 5.21 -5.13
C THR A 26 -3.10 4.22 -4.03
N CYS A 27 -2.69 4.49 -2.78
CA CYS A 27 -2.99 3.64 -1.62
C CYS A 27 -4.50 3.67 -1.36
N GLN A 28 -5.16 2.53 -1.64
CA GLN A 28 -6.59 2.28 -1.54
C GLN A 28 -6.87 1.34 -0.36
N TYR A 29 -8.17 1.09 -0.12
CA TYR A 29 -8.70 0.39 1.05
C TYR A 29 -9.61 -0.76 0.61
N SER A 30 -9.43 -1.94 1.22
CA SER A 30 -10.36 -3.07 1.16
C SER A 30 -10.71 -3.46 2.61
N ASN A 31 -9.77 -4.08 3.33
CA ASN A 31 -9.84 -4.34 4.77
C ASN A 31 -8.94 -3.35 5.54
N ASP A 32 -9.12 -3.32 6.87
CA ASP A 32 -8.29 -2.60 7.82
C ASP A 32 -6.81 -2.99 7.68
N TYR A 33 -6.52 -4.29 7.80
CA TYR A 33 -5.17 -4.86 7.69
C TYR A 33 -4.70 -4.96 6.23
N TYR A 34 -5.62 -5.16 5.26
CA TYR A 34 -5.31 -5.26 3.84
C TYR A 34 -5.84 -4.03 3.10
N SER A 35 -5.15 -2.89 3.30
CA SER A 35 -5.28 -1.68 2.47
C SER A 35 -4.14 -1.68 1.45
N GLN A 36 -4.49 -1.77 0.15
CA GLN A 36 -3.58 -2.12 -0.94
C GLN A 36 -3.40 -0.99 -1.95
N CYS A 37 -2.21 -0.93 -2.57
CA CYS A 37 -1.85 -0.01 -3.65
C CYS A 37 -2.57 -0.39 -4.94
N LEU A 38 -3.39 0.51 -5.51
CA LEU A 38 -4.31 0.24 -6.62
C LEU A 38 -4.54 1.50 -7.46
N SER A 1 11.56 5.48 2.16
CA SER A 1 10.37 4.72 1.75
C SER A 1 10.52 4.14 0.35
N CYS A 2 10.27 2.83 0.23
CA CYS A 2 10.31 2.07 -1.02
C CYS A 2 9.20 2.54 -1.98
N THR A 3 9.54 2.84 -3.24
CA THR A 3 8.58 3.14 -4.31
C THR A 3 7.93 1.81 -4.70
N GLN A 4 6.79 1.54 -4.05
CA GLN A 4 6.18 0.23 -3.91
C GLN A 4 5.22 0.00 -5.08
N THR A 5 5.28 -1.16 -5.74
CA THR A 5 4.59 -1.42 -7.00
C THR A 5 3.07 -1.36 -6.86
N HIS A 6 2.44 -1.45 -8.04
CA HIS A 6 1.01 -1.68 -8.21
C HIS A 6 0.69 -3.02 -7.57
N TRP A 7 -0.31 -3.01 -6.68
CA TRP A 7 -0.62 -4.09 -5.73
C TRP A 7 0.56 -4.22 -4.73
N GLY A 8 0.41 -3.62 -3.54
CA GLY A 8 1.46 -3.42 -2.55
C GLY A 8 0.82 -2.90 -1.28
N GLN A 9 0.89 -3.69 -0.20
CA GLN A 9 0.17 -3.42 1.04
C GLN A 9 0.66 -2.09 1.62
N CYS A 10 -0.23 -1.08 1.65
CA CYS A 10 0.07 0.28 2.07
C CYS A 10 -0.64 0.64 3.39
N GLY A 11 -0.82 -0.34 4.28
CA GLY A 11 -1.51 -0.19 5.55
C GLY A 11 -1.92 -1.58 6.09
N GLY A 12 -1.65 -1.79 7.38
CA GLY A 12 -1.96 -3.03 8.09
C GLY A 12 -1.20 -3.10 9.42
N ILE A 13 -1.85 -3.72 10.43
CA ILE A 13 -1.27 -3.98 11.74
C ILE A 13 -0.24 -5.11 11.57
N GLY A 14 1.04 -4.72 11.42
CA GLY A 14 2.14 -5.65 11.07
C GLY A 14 3.03 -5.00 10.02
N TYR A 15 2.45 -4.66 8.86
CA TYR A 15 3.14 -3.98 7.76
C TYR A 15 3.46 -2.54 8.17
N SER A 16 4.76 -2.21 8.26
CA SER A 16 5.26 -0.89 8.62
C SER A 16 6.42 -0.54 7.66
N GLY A 17 6.08 0.02 6.49
CA GLY A 17 7.06 0.44 5.49
C GLY A 17 6.41 1.30 4.41
N CYS A 18 6.61 0.91 3.14
CA CYS A 18 6.16 1.63 1.97
C CYS A 18 4.64 1.58 1.76
N LYS A 19 3.98 2.67 2.16
CA LYS A 19 2.67 3.10 1.68
C LYS A 19 2.73 3.82 0.32
N THR A 20 3.90 4.38 -0.05
CA THR A 20 4.16 5.10 -1.29
C THR A 20 3.99 4.19 -2.52
N CYS A 21 2.77 4.15 -3.07
CA CYS A 21 2.40 3.47 -4.32
C CYS A 21 3.10 4.12 -5.52
N THR A 22 3.46 3.33 -6.54
CA THR A 22 4.25 3.79 -7.69
C THR A 22 3.40 4.69 -8.61
N SER A 23 4.05 5.31 -9.60
CA SER A 23 3.42 6.14 -10.62
C SER A 23 2.48 5.28 -11.48
N GLY A 24 1.17 5.40 -11.23
CA GLY A 24 0.11 4.56 -11.80
C GLY A 24 -0.89 4.06 -10.75
N THR A 25 -0.52 4.10 -9.46
CA THR A 25 -1.31 3.62 -8.32
C THR A 25 -1.29 4.63 -7.17
N THR A 26 -2.40 4.65 -6.41
CA THR A 26 -2.57 5.38 -5.16
C THR A 26 -3.03 4.40 -4.08
N CYS A 27 -2.71 4.69 -2.81
CA CYS A 27 -3.04 3.81 -1.69
C CYS A 27 -4.55 3.81 -1.46
N GLN A 28 -5.19 2.67 -1.77
CA GLN A 28 -6.61 2.40 -1.62
C GLN A 28 -6.86 1.48 -0.42
N TYR A 29 -8.15 1.27 -0.12
CA TYR A 29 -8.64 0.60 1.07
C TYR A 29 -9.60 -0.54 0.68
N SER A 30 -9.40 -1.73 1.28
CA SER A 30 -10.31 -2.85 1.24
C SER A 30 -10.73 -3.17 2.69
N ASN A 31 -9.83 -3.80 3.45
CA ASN A 31 -9.98 -4.09 4.87
C ASN A 31 -9.13 -3.14 5.72
N ASP A 32 -9.41 -3.12 7.04
CA ASP A 32 -8.61 -2.46 8.06
C ASP A 32 -7.15 -2.94 8.04
N TYR A 33 -6.95 -4.28 8.05
CA TYR A 33 -5.64 -4.92 8.00
C TYR A 33 -5.03 -4.85 6.59
N TYR A 34 -5.84 -4.88 5.52
CA TYR A 34 -5.38 -4.89 4.14
C TYR A 34 -5.77 -3.59 3.43
N SER A 35 -4.91 -2.56 3.53
CA SER A 35 -4.89 -1.40 2.64
C SER A 35 -3.88 -1.71 1.52
N GLN A 36 -4.18 -1.38 0.25
CA GLN A 36 -3.37 -1.81 -0.90
C GLN A 36 -3.30 -0.75 -2.02
N CYS A 37 -2.15 -0.70 -2.72
CA CYS A 37 -1.87 0.13 -3.87
C CYS A 37 -2.68 -0.30 -5.09
N LEU A 38 -3.57 0.57 -5.59
CA LEU A 38 -4.48 0.31 -6.71
C LEU A 38 -4.71 1.58 -7.53
N SER A 1 11.52 5.24 2.30
CA SER A 1 10.99 3.90 1.96
C SER A 1 10.89 3.67 0.45
N CYS A 2 10.62 2.43 0.04
CA CYS A 2 10.52 2.01 -1.36
C CYS A 2 9.42 2.75 -2.13
N THR A 3 9.61 2.91 -3.45
CA THR A 3 8.55 3.27 -4.40
C THR A 3 7.82 1.97 -4.74
N GLN A 4 6.68 1.76 -4.07
CA GLN A 4 5.98 0.50 -3.97
C GLN A 4 5.28 0.18 -5.30
N THR A 5 5.35 -1.05 -5.81
CA THR A 5 4.67 -1.42 -7.06
C THR A 5 3.15 -1.36 -6.92
N HIS A 6 2.52 -1.54 -8.08
CA HIS A 6 1.09 -1.72 -8.21
C HIS A 6 0.70 -3.05 -7.55
N TRP A 7 -0.29 -2.97 -6.65
CA TRP A 7 -0.68 -4.05 -5.74
C TRP A 7 0.48 -4.30 -4.74
N GLY A 8 0.37 -3.72 -3.54
CA GLY A 8 1.42 -3.65 -2.53
C GLY A 8 0.81 -3.03 -1.28
N GLN A 9 0.72 -3.81 -0.21
CA GLN A 9 0.10 -3.40 1.05
C GLN A 9 0.79 -2.14 1.57
N CYS A 10 0.11 -0.99 1.42
CA CYS A 10 0.65 0.33 1.72
C CYS A 10 0.33 0.74 3.16
N GLY A 11 -0.94 0.56 3.57
CA GLY A 11 -1.45 0.89 4.89
C GLY A 11 -1.62 -0.38 5.73
N GLY A 12 -2.65 -0.39 6.58
CA GLY A 12 -3.12 -1.58 7.27
C GLY A 12 -2.33 -1.86 8.56
N ILE A 13 -3.05 -2.21 9.63
CA ILE A 13 -2.50 -2.48 10.96
C ILE A 13 -1.65 -3.76 10.90
N GLY A 14 -0.37 -3.66 11.30
CA GLY A 14 0.57 -4.80 11.27
C GLY A 14 1.77 -4.49 10.36
N TYR A 15 1.51 -3.98 9.15
CA TYR A 15 2.50 -3.76 8.10
C TYR A 15 3.61 -2.79 8.54
N SER A 16 4.85 -3.09 8.12
CA SER A 16 6.03 -2.29 8.38
C SER A 16 6.86 -2.19 7.09
N GLY A 17 6.51 -1.24 6.23
CA GLY A 17 7.20 -1.00 4.96
C GLY A 17 6.60 0.16 4.16
N CYS A 18 7.04 0.27 2.90
CA CYS A 18 6.66 1.28 1.92
C CYS A 18 5.16 1.46 1.75
N LYS A 19 4.69 2.71 1.92
CA LYS A 19 3.32 3.15 1.67
C LYS A 19 3.20 3.68 0.24
N THR A 20 4.14 4.56 -0.15
CA THR A 20 4.13 5.34 -1.38
C THR A 20 4.12 4.42 -2.61
N CYS A 21 2.95 4.30 -3.26
CA CYS A 21 2.72 3.67 -4.56
C CYS A 21 3.65 4.21 -5.67
N THR A 22 3.68 3.51 -6.81
CA THR A 22 4.31 4.01 -8.04
C THR A 22 3.29 4.85 -8.83
N SER A 23 3.74 5.40 -9.97
CA SER A 23 2.92 6.23 -10.85
C SER A 23 1.72 5.45 -11.40
N GLY A 24 0.54 6.09 -11.42
CA GLY A 24 -0.74 5.50 -11.81
C GLY A 24 -1.54 4.95 -10.63
N THR A 25 -0.84 4.43 -9.62
CA THR A 25 -1.41 3.78 -8.43
C THR A 25 -1.40 4.73 -7.22
N THR A 26 -2.45 4.63 -6.39
CA THR A 26 -2.69 5.39 -5.16
C THR A 26 -2.97 4.42 -4.00
N CYS A 27 -2.54 4.76 -2.78
CA CYS A 27 -2.77 3.95 -1.60
C CYS A 27 -4.27 3.96 -1.23
N GLN A 28 -4.87 2.77 -1.24
CA GLN A 28 -6.30 2.50 -1.08
C GLN A 28 -6.54 1.50 0.05
N TYR A 29 -7.82 1.34 0.42
CA TYR A 29 -8.31 0.47 1.50
C TYR A 29 -9.07 -0.72 0.88
N SER A 30 -8.82 -1.93 1.41
CA SER A 30 -9.59 -3.14 1.12
C SER A 30 -10.20 -3.63 2.43
N ASN A 31 -9.37 -4.22 3.30
CA ASN A 31 -9.69 -4.61 4.68
C ASN A 31 -9.09 -3.60 5.68
N ASP A 32 -9.52 -3.72 6.94
CA ASP A 32 -8.97 -3.03 8.11
C ASP A 32 -7.46 -3.27 8.22
N TYR A 33 -7.05 -4.54 8.23
CA TYR A 33 -5.67 -4.98 8.39
C TYR A 33 -4.87 -4.91 7.08
N TYR A 34 -5.50 -5.06 5.91
CA TYR A 34 -4.88 -5.05 4.59
C TYR A 34 -5.38 -3.85 3.77
N SER A 35 -4.56 -2.79 3.62
CA SER A 35 -4.82 -1.60 2.81
C SER A 35 -3.79 -1.56 1.68
N GLN A 36 -4.24 -1.67 0.41
CA GLN A 36 -3.42 -1.99 -0.76
C GLN A 36 -3.21 -0.81 -1.71
N CYS A 37 -2.06 -0.78 -2.39
CA CYS A 37 -1.70 0.14 -3.48
C CYS A 37 -2.44 -0.25 -4.76
N LEU A 38 -3.23 0.66 -5.35
CA LEU A 38 -4.20 0.38 -6.42
C LEU A 38 -4.40 1.58 -7.33
N SER A 1 11.30 5.27 2.07
CA SER A 1 10.27 4.25 1.81
C SER A 1 10.56 3.47 0.52
N CYS A 2 10.30 2.15 0.56
CA CYS A 2 10.36 1.22 -0.55
C CYS A 2 9.22 1.49 -1.54
N THR A 3 9.41 2.42 -2.49
CA THR A 3 8.35 2.94 -3.37
C THR A 3 7.61 1.77 -4.04
N GLN A 4 6.37 1.55 -3.59
CA GLN A 4 5.72 0.25 -3.57
C GLN A 4 5.05 0.04 -4.93
N THR A 5 5.42 -1.01 -5.69
CA THR A 5 4.83 -1.25 -7.01
C THR A 5 3.32 -1.39 -6.95
N HIS A 6 2.75 -1.34 -8.15
CA HIS A 6 1.33 -1.54 -8.41
C HIS A 6 0.95 -2.93 -7.90
N TRP A 7 -0.10 -2.98 -7.07
CA TRP A 7 -0.44 -4.11 -6.19
C TRP A 7 0.67 -4.25 -5.13
N GLY A 8 0.42 -3.72 -3.92
CA GLY A 8 1.42 -3.52 -2.87
C GLY A 8 0.68 -3.24 -1.57
N GLN A 9 0.78 -4.18 -0.63
CA GLN A 9 -0.04 -4.19 0.57
C GLN A 9 0.46 -3.11 1.53
N CYS A 10 -0.29 -2.00 1.58
CA CYS A 10 0.00 -0.76 2.30
C CYS A 10 -0.69 -0.73 3.68
N GLY A 11 -1.92 -1.23 3.75
CA GLY A 11 -2.84 -1.24 4.88
C GLY A 11 -2.23 -1.55 6.26
N GLY A 12 -1.72 -2.79 6.46
CA GLY A 12 -1.49 -3.43 7.74
C GLY A 12 -0.86 -2.54 8.82
N ILE A 13 -1.51 -2.51 9.99
CA ILE A 13 -0.97 -1.99 11.25
C ILE A 13 0.02 -3.06 11.73
N GLY A 14 1.27 -2.94 11.26
CA GLY A 14 2.27 -4.04 11.34
C GLY A 14 3.12 -4.04 10.06
N TYR A 15 2.48 -3.99 8.87
CA TYR A 15 3.15 -3.73 7.61
C TYR A 15 3.73 -2.31 7.65
N SER A 16 5.05 -2.18 7.44
CA SER A 16 5.79 -0.93 7.58
C SER A 16 6.76 -0.70 6.41
N GLY A 17 7.44 0.46 6.45
CA GLY A 17 8.34 0.94 5.41
C GLY A 17 7.54 1.72 4.37
N CYS A 18 6.86 0.99 3.47
CA CYS A 18 6.20 1.50 2.29
C CYS A 18 4.70 1.23 2.27
N LYS A 19 3.94 2.16 2.87
CA LYS A 19 2.55 2.43 2.50
C LYS A 19 2.44 3.17 1.15
N THR A 20 3.52 3.84 0.70
CA THR A 20 3.57 4.71 -0.47
C THR A 20 3.58 3.88 -1.76
N CYS A 21 2.41 3.84 -2.44
CA CYS A 21 2.21 3.28 -3.79
C CYS A 21 2.99 4.08 -4.84
N THR A 22 3.34 3.44 -5.98
CA THR A 22 4.13 4.08 -7.04
C THR A 22 3.24 5.02 -7.87
N SER A 23 3.85 5.77 -8.80
CA SER A 23 3.16 6.69 -9.69
C SER A 23 2.13 5.95 -10.56
N GLY A 24 0.87 6.42 -10.53
CA GLY A 24 -0.28 5.76 -11.14
C GLY A 24 -1.20 5.12 -10.09
N THR A 25 -0.62 4.56 -9.01
CA THR A 25 -1.34 3.82 -7.96
C THR A 25 -1.41 4.63 -6.66
N THR A 26 -2.55 4.52 -5.96
CA THR A 26 -2.76 4.99 -4.60
C THR A 26 -3.34 3.86 -3.72
N CYS A 27 -3.16 3.98 -2.40
CA CYS A 27 -3.45 2.97 -1.39
C CYS A 27 -4.97 2.85 -1.16
N GLN A 28 -5.62 1.96 -1.92
CA GLN A 28 -7.06 1.72 -1.97
C GLN A 28 -7.49 0.69 -0.91
N TYR A 29 -8.49 1.09 -0.10
CA TYR A 29 -8.96 0.38 1.07
C TYR A 29 -9.92 -0.76 0.70
N SER A 30 -9.72 -1.94 1.31
CA SER A 30 -10.67 -3.05 1.32
C SER A 30 -11.01 -3.36 2.79
N ASN A 31 -10.04 -3.92 3.53
CA ASN A 31 -10.05 -4.03 4.99
C ASN A 31 -9.13 -2.97 5.61
N ASP A 32 -9.16 -2.85 6.95
CA ASP A 32 -8.21 -2.08 7.75
C ASP A 32 -6.78 -2.59 7.52
N TYR A 33 -6.56 -3.89 7.77
CA TYR A 33 -5.26 -4.53 7.72
C TYR A 33 -4.80 -4.85 6.29
N TYR A 34 -5.75 -5.04 5.35
CA TYR A 34 -5.48 -5.23 3.93
C TYR A 34 -6.01 -4.02 3.15
N SER A 35 -5.12 -3.04 2.89
CA SER A 35 -5.29 -1.99 1.89
C SER A 35 -4.18 -2.20 0.84
N GLN A 36 -4.48 -1.95 -0.45
CA GLN A 36 -3.62 -2.32 -1.57
C GLN A 36 -3.48 -1.19 -2.60
N CYS A 37 -2.30 -1.08 -3.21
CA CYS A 37 -1.97 -0.13 -4.27
C CYS A 37 -2.68 -0.51 -5.56
N LEU A 38 -3.58 0.36 -6.04
CA LEU A 38 -4.43 0.12 -7.21
C LEU A 38 -4.65 1.43 -7.98
N SER A 1 10.90 5.59 2.36
CA SER A 1 9.88 4.66 1.84
C SER A 1 10.20 4.20 0.41
N CYS A 2 10.17 2.88 0.17
CA CYS A 2 10.27 2.27 -1.16
C CYS A 2 9.19 2.81 -2.11
N THR A 3 9.52 2.90 -3.40
CA THR A 3 8.58 3.15 -4.49
C THR A 3 7.87 1.83 -4.77
N GLN A 4 6.80 1.60 -3.99
CA GLN A 4 6.10 0.34 -3.82
C GLN A 4 5.25 0.06 -5.07
N THR A 5 5.36 -1.15 -5.65
CA THR A 5 4.74 -1.44 -6.94
C THR A 5 3.22 -1.44 -6.87
N HIS A 6 2.64 -1.59 -8.05
CA HIS A 6 1.23 -1.82 -8.25
C HIS A 6 0.86 -3.17 -7.63
N TRP A 7 -0.14 -3.13 -6.73
CA TRP A 7 -0.48 -4.22 -5.81
C TRP A 7 0.67 -4.38 -4.81
N GLY A 8 0.54 -3.79 -3.61
CA GLY A 8 1.63 -3.57 -2.67
C GLY A 8 1.04 -2.92 -1.43
N GLN A 9 1.23 -3.54 -0.26
CA GLN A 9 0.58 -3.12 0.98
C GLN A 9 1.14 -1.77 1.45
N CYS A 10 0.28 -1.01 2.15
CA CYS A 10 0.55 0.35 2.60
C CYS A 10 -0.06 0.58 3.99
N GLY A 11 -1.33 0.17 4.18
CA GLY A 11 -2.13 0.49 5.36
C GLY A 11 -2.52 -0.77 6.17
N GLY A 12 -1.52 -1.51 6.67
CA GLY A 12 -1.71 -2.72 7.45
C GLY A 12 -1.33 -2.50 8.91
N ILE A 13 -2.17 -2.98 9.84
CA ILE A 13 -1.92 -2.95 11.29
C ILE A 13 -1.04 -4.16 11.63
N GLY A 14 0.19 -4.16 11.10
CA GLY A 14 1.08 -5.34 11.11
C GLY A 14 2.26 -5.04 10.17
N TYR A 15 1.96 -4.84 8.88
CA TYR A 15 2.88 -4.39 7.84
C TYR A 15 3.39 -2.98 8.19
N SER A 16 4.73 -2.84 8.27
CA SER A 16 5.43 -1.62 8.66
C SER A 16 6.51 -1.33 7.61
N GLY A 17 6.08 -0.84 6.44
CA GLY A 17 6.95 -0.51 5.32
C GLY A 17 6.28 0.50 4.37
N CYS A 18 6.83 0.62 3.16
CA CYS A 18 6.39 1.51 2.10
C CYS A 18 4.88 1.61 1.89
N LYS A 19 4.38 2.85 2.08
CA LYS A 19 3.05 3.30 1.72
C LYS A 19 3.01 3.87 0.31
N THR A 20 4.11 4.50 -0.13
CA THR A 20 4.26 5.24 -1.39
C THR A 20 4.14 4.30 -2.61
N CYS A 21 2.90 4.10 -3.07
CA CYS A 21 2.52 3.42 -4.30
C CYS A 21 3.18 4.11 -5.52
N THR A 22 3.54 3.34 -6.56
CA THR A 22 4.28 3.86 -7.72
C THR A 22 3.37 4.75 -8.59
N SER A 23 3.96 5.41 -9.60
CA SER A 23 3.25 6.28 -10.53
C SER A 23 2.12 5.51 -11.25
N GLY A 24 0.87 5.96 -11.06
CA GLY A 24 -0.35 5.34 -11.57
C GLY A 24 -1.18 4.64 -10.49
N THR A 25 -0.60 4.37 -9.30
CA THR A 25 -1.24 3.66 -8.18
C THR A 25 -1.30 4.55 -6.94
N THR A 26 -2.39 4.38 -6.18
CA THR A 26 -2.71 5.08 -4.93
C THR A 26 -3.02 4.05 -3.84
N CYS A 27 -2.64 4.35 -2.58
CA CYS A 27 -2.92 3.50 -1.42
C CYS A 27 -4.43 3.52 -1.16
N GLN A 28 -5.10 2.44 -1.58
CA GLN A 28 -6.55 2.25 -1.56
C GLN A 28 -6.92 1.29 -0.45
N TYR A 29 -7.71 1.78 0.52
CA TYR A 29 -8.24 1.02 1.65
C TYR A 29 -9.35 0.07 1.19
N SER A 30 -9.29 -1.18 1.65
CA SER A 30 -10.37 -2.17 1.51
C SER A 30 -10.79 -2.61 2.92
N ASN A 31 -9.94 -3.41 3.58
CA ASN A 31 -10.06 -3.79 5.00
C ASN A 31 -9.06 -2.97 5.84
N ASP A 32 -9.22 -3.02 7.18
CA ASP A 32 -8.30 -2.40 8.13
C ASP A 32 -6.89 -3.01 8.04
N TYR A 33 -6.80 -4.34 7.98
CA TYR A 33 -5.55 -5.08 7.82
C TYR A 33 -5.06 -5.07 6.37
N TYR A 34 -5.96 -5.09 5.36
CA TYR A 34 -5.60 -5.19 3.94
C TYR A 34 -5.94 -3.88 3.21
N SER A 35 -4.97 -2.96 3.16
CA SER A 35 -5.02 -1.72 2.39
C SER A 35 -3.88 -1.73 1.36
N GLN A 36 -4.21 -1.61 0.06
CA GLN A 36 -3.34 -1.99 -1.06
C GLN A 36 -3.18 -0.87 -2.10
N CYS A 37 -2.01 -0.82 -2.75
CA CYS A 37 -1.69 0.06 -3.87
C CYS A 37 -2.44 -0.38 -5.14
N LEU A 38 -3.30 0.50 -5.68
CA LEU A 38 -4.20 0.23 -6.79
C LEU A 38 -4.39 1.50 -7.64
N SER A 1 13.17 3.01 2.79
CA SER A 1 11.76 2.79 2.45
C SER A 1 11.52 2.91 0.94
N CYS A 2 11.00 1.85 0.31
CA CYS A 2 10.73 1.76 -1.12
C CYS A 2 9.58 2.67 -1.57
N THR A 3 9.34 2.74 -2.89
CA THR A 3 8.07 3.09 -3.50
C THR A 3 7.41 1.76 -3.87
N GLN A 4 6.22 1.46 -3.29
CA GLN A 4 5.65 0.12 -3.40
C GLN A 4 5.01 -0.02 -4.79
N THR A 5 5.09 -1.19 -5.44
CA THR A 5 4.54 -1.40 -6.77
C THR A 5 3.01 -1.36 -6.75
N HIS A 6 2.46 -1.52 -7.95
CA HIS A 6 1.04 -1.77 -8.15
C HIS A 6 0.70 -3.10 -7.47
N TRP A 7 -0.29 -3.05 -6.57
CA TRP A 7 -0.57 -4.08 -5.57
C TRP A 7 0.61 -4.16 -4.58
N GLY A 8 0.50 -3.47 -3.43
CA GLY A 8 1.55 -3.30 -2.43
C GLY A 8 0.88 -2.77 -1.16
N GLN A 9 0.88 -3.59 -0.10
CA GLN A 9 0.13 -3.35 1.12
C GLN A 9 0.74 -2.16 1.87
N CYS A 10 0.08 -1.01 1.71
CA CYS A 10 0.57 0.32 2.05
C CYS A 10 0.16 0.74 3.46
N GLY A 11 -1.11 0.52 3.84
CA GLY A 11 -1.64 0.90 5.15
C GLY A 11 -1.32 -0.19 6.17
N GLY A 12 -2.34 -0.96 6.59
CA GLY A 12 -2.20 -2.20 7.33
C GLY A 12 -1.83 -2.00 8.80
N ILE A 13 -2.61 -2.59 9.72
CA ILE A 13 -2.34 -2.62 11.15
C ILE A 13 -1.37 -3.79 11.43
N GLY A 14 -0.16 -3.73 10.85
CA GLY A 14 0.79 -4.86 10.86
C GLY A 14 2.05 -4.48 10.08
N TYR A 15 1.89 -4.25 8.76
CA TYR A 15 2.93 -3.79 7.84
C TYR A 15 3.33 -2.36 8.21
N SER A 16 4.64 -2.14 8.39
CA SER A 16 5.25 -0.86 8.72
C SER A 16 6.49 -0.68 7.84
N GLY A 17 6.27 -0.30 6.57
CA GLY A 17 7.31 -0.08 5.59
C GLY A 17 6.84 0.90 4.52
N CYS A 18 7.10 0.58 3.24
CA CYS A 18 6.82 1.42 2.10
C CYS A 18 5.34 1.47 1.72
N LYS A 19 4.75 2.67 1.79
CA LYS A 19 3.36 3.01 1.49
C LYS A 19 3.19 3.79 0.18
N THR A 20 4.26 4.36 -0.38
CA THR A 20 4.22 5.24 -1.55
C THR A 20 4.01 4.41 -2.83
N CYS A 21 2.73 4.21 -3.20
CA CYS A 21 2.29 3.51 -4.40
C CYS A 21 2.85 4.17 -5.66
N THR A 22 3.25 3.38 -6.66
CA THR A 22 3.93 3.89 -7.86
C THR A 22 2.96 4.65 -8.77
N SER A 23 3.49 5.25 -9.85
CA SER A 23 2.73 6.05 -10.80
C SER A 23 1.57 5.23 -11.41
N GLY A 24 0.36 5.79 -11.35
CA GLY A 24 -0.89 5.12 -11.71
C GLY A 24 -1.68 4.66 -10.47
N THR A 25 -0.98 4.20 -9.42
CA THR A 25 -1.57 3.62 -8.21
C THR A 25 -1.52 4.60 -7.03
N THR A 26 -2.56 4.56 -6.21
CA THR A 26 -2.72 5.31 -4.95
C THR A 26 -3.03 4.32 -3.83
N CYS A 27 -2.67 4.67 -2.59
CA CYS A 27 -2.89 3.83 -1.42
C CYS A 27 -4.39 3.78 -1.10
N GLN A 28 -5.02 2.63 -1.40
CA GLN A 28 -6.45 2.36 -1.26
C GLN A 28 -6.74 1.47 -0.05
N TYR A 29 -8.03 1.19 0.16
CA TYR A 29 -8.57 0.45 1.29
C TYR A 29 -9.61 -0.57 0.80
N SER A 30 -9.52 -1.81 1.29
CA SER A 30 -10.53 -2.85 1.11
C SER A 30 -10.94 -3.32 2.50
N ASN A 31 -10.11 -4.15 3.13
CA ASN A 31 -10.14 -4.50 4.56
C ASN A 31 -8.98 -3.80 5.30
N ASP A 32 -9.11 -3.73 6.63
CA ASP A 32 -8.20 -3.07 7.57
C ASP A 32 -6.72 -3.41 7.34
N TYR A 33 -6.37 -4.71 7.43
CA TYR A 33 -5.00 -5.21 7.33
C TYR A 33 -4.48 -5.18 5.88
N TYR A 34 -5.37 -5.28 4.89
CA TYR A 34 -5.06 -5.31 3.46
C TYR A 34 -5.56 -4.01 2.80
N SER A 35 -4.88 -2.92 3.14
CA SER A 35 -5.01 -1.58 2.57
C SER A 35 -3.89 -1.45 1.52
N GLN A 36 -4.26 -1.50 0.22
CA GLN A 36 -3.36 -1.88 -0.87
C GLN A 36 -3.24 -0.79 -1.95
N CYS A 37 -2.09 -0.76 -2.65
CA CYS A 37 -1.81 0.11 -3.78
C CYS A 37 -2.63 -0.29 -5.01
N LEU A 38 -3.52 0.59 -5.47
CA LEU A 38 -4.49 0.36 -6.55
C LEU A 38 -4.76 1.67 -7.30
N SER A 1 10.93 5.83 2.26
CA SER A 1 9.91 4.83 1.87
C SER A 1 10.08 4.40 0.41
N CYS A 2 10.34 3.10 0.21
CA CYS A 2 10.45 2.42 -1.08
C CYS A 2 9.30 2.77 -2.03
N THR A 3 9.60 3.00 -3.32
CA THR A 3 8.61 3.21 -4.38
C THR A 3 7.98 1.84 -4.69
N GLN A 4 6.89 1.57 -3.99
CA GLN A 4 6.26 0.28 -3.83
C GLN A 4 5.29 0.03 -5.00
N THR A 5 5.34 -1.15 -5.64
CA THR A 5 4.68 -1.39 -6.91
C THR A 5 3.16 -1.39 -6.80
N HIS A 6 2.56 -1.54 -7.98
CA HIS A 6 1.14 -1.79 -8.16
C HIS A 6 0.82 -3.15 -7.55
N TRP A 7 -0.18 -3.15 -6.65
CA TRP A 7 -0.48 -4.25 -5.73
C TRP A 7 0.69 -4.40 -4.74
N GLY A 8 0.55 -3.84 -3.53
CA GLY A 8 1.63 -3.63 -2.57
C GLY A 8 1.01 -3.01 -1.33
N GLN A 9 1.03 -3.75 -0.22
CA GLN A 9 0.47 -3.31 1.05
C GLN A 9 1.12 -1.99 1.47
N CYS A 10 0.31 -1.08 2.02
CA CYS A 10 0.66 0.31 2.30
C CYS A 10 0.18 0.73 3.69
N GLY A 11 -1.05 0.32 4.06
CA GLY A 11 -1.57 0.41 5.42
C GLY A 11 -1.47 -0.96 6.10
N GLY A 12 -2.54 -1.35 6.82
CA GLY A 12 -2.65 -2.65 7.45
C GLY A 12 -1.87 -2.73 8.77
N ILE A 13 -2.55 -3.15 9.85
CA ILE A 13 -1.96 -3.31 11.18
C ILE A 13 -1.01 -4.51 11.16
N GLY A 14 0.29 -4.24 11.37
CA GLY A 14 1.36 -5.27 11.32
C GLY A 14 2.45 -4.84 10.34
N TYR A 15 2.05 -4.56 9.08
CA TYR A 15 2.93 -4.10 8.01
C TYR A 15 3.48 -2.71 8.34
N SER A 16 4.81 -2.60 8.38
CA SER A 16 5.55 -1.38 8.68
C SER A 16 6.62 -1.19 7.60
N GLY A 17 6.18 -0.82 6.39
CA GLY A 17 7.02 -0.57 5.22
C GLY A 17 6.36 0.44 4.28
N CYS A 18 6.93 0.57 3.07
CA CYS A 18 6.49 1.46 2.01
C CYS A 18 4.98 1.54 1.79
N LYS A 19 4.46 2.77 1.97
CA LYS A 19 3.12 3.21 1.64
C LYS A 19 3.06 3.87 0.24
N THR A 20 4.18 4.46 -0.21
CA THR A 20 4.31 5.19 -1.47
C THR A 20 4.12 4.25 -2.67
N CYS A 21 2.87 4.11 -3.12
CA CYS A 21 2.45 3.40 -4.34
C CYS A 21 3.07 4.08 -5.58
N THR A 22 3.50 3.30 -6.57
CA THR A 22 4.21 3.81 -7.74
C THR A 22 3.26 4.63 -8.63
N SER A 23 3.82 5.30 -9.66
CA SER A 23 3.06 6.14 -10.58
C SER A 23 1.96 5.34 -11.28
N GLY A 24 0.70 5.81 -11.17
CA GLY A 24 -0.50 5.11 -11.61
C GLY A 24 -1.35 4.63 -10.43
N THR A 25 -0.70 4.19 -9.33
CA THR A 25 -1.33 3.59 -8.15
C THR A 25 -1.31 4.54 -6.95
N THR A 26 -2.37 4.47 -6.13
CA THR A 26 -2.54 5.18 -4.87
C THR A 26 -2.88 4.15 -3.77
N CYS A 27 -2.52 4.47 -2.51
CA CYS A 27 -2.78 3.59 -1.38
C CYS A 27 -4.30 3.57 -1.11
N GLN A 28 -4.92 2.41 -1.39
CA GLN A 28 -6.35 2.15 -1.27
C GLN A 28 -6.65 1.26 -0.06
N TYR A 29 -7.95 1.00 0.13
CA TYR A 29 -8.51 0.34 1.32
C TYR A 29 -9.68 -0.56 0.90
N SER A 30 -9.68 -1.81 1.39
CA SER A 30 -10.80 -2.74 1.29
C SER A 30 -11.36 -2.91 2.70
N ASN A 31 -10.66 -3.72 3.52
CA ASN A 31 -10.83 -3.81 4.97
C ASN A 31 -9.66 -3.13 5.70
N ASP A 32 -9.69 -3.18 7.04
CA ASP A 32 -8.70 -2.60 7.95
C ASP A 32 -7.28 -3.11 7.65
N TYR A 33 -7.11 -4.43 7.73
CA TYR A 33 -5.82 -5.12 7.65
C TYR A 33 -5.27 -5.17 6.21
N TYR A 34 -6.15 -5.11 5.19
CA TYR A 34 -5.79 -5.21 3.78
C TYR A 34 -5.99 -3.85 3.11
N SER A 35 -4.94 -3.00 3.17
CA SER A 35 -4.85 -1.69 2.55
C SER A 35 -3.72 -1.74 1.52
N GLN A 36 -4.06 -1.75 0.22
CA GLN A 36 -3.19 -2.12 -0.90
C GLN A 36 -3.08 -1.00 -1.94
N CYS A 37 -1.93 -0.94 -2.64
CA CYS A 37 -1.66 -0.03 -3.75
C CYS A 37 -2.47 -0.43 -4.99
N LEU A 38 -3.36 0.47 -5.46
CA LEU A 38 -4.29 0.24 -6.56
C LEU A 38 -4.54 1.57 -7.30
N SER A 1 10.98 5.65 2.55
CA SER A 1 9.78 5.12 1.87
C SER A 1 10.10 4.70 0.43
N CYS A 2 10.15 3.39 0.18
CA CYS A 2 10.35 2.79 -1.15
C CYS A 2 9.23 3.20 -2.13
N THR A 3 9.54 3.20 -3.43
CA THR A 3 8.57 3.29 -4.52
C THR A 3 7.97 1.88 -4.68
N GLN A 4 6.88 1.65 -3.95
CA GLN A 4 6.24 0.36 -3.71
C GLN A 4 5.31 0.04 -4.89
N THR A 5 5.35 -1.20 -5.43
CA THR A 5 4.68 -1.55 -6.67
C THR A 5 3.16 -1.47 -6.59
N HIS A 6 2.57 -1.65 -7.76
CA HIS A 6 1.16 -1.89 -7.96
C HIS A 6 0.80 -3.20 -7.25
N TRP A 7 -0.25 -3.13 -6.41
CA TRP A 7 -0.61 -4.17 -5.43
C TRP A 7 0.52 -4.28 -4.38
N GLY A 8 0.35 -3.60 -3.24
CA GLY A 8 1.40 -3.38 -2.25
C GLY A 8 0.74 -2.82 -0.99
N GLN A 9 0.74 -3.60 0.10
CA GLN A 9 0.07 -3.26 1.34
C GLN A 9 0.72 -2.00 1.93
N CYS A 10 -0.01 -0.88 1.87
CA CYS A 10 0.38 0.40 2.44
C CYS A 10 -0.09 0.47 3.90
N GLY A 11 -1.40 0.22 4.12
CA GLY A 11 -2.02 0.11 5.45
C GLY A 11 -2.36 -1.36 5.74
N GLY A 12 -2.02 -1.80 6.94
CA GLY A 12 -2.22 -3.16 7.43
C GLY A 12 -1.41 -3.36 8.72
N ILE A 13 -2.05 -3.91 9.76
CA ILE A 13 -1.49 -4.03 11.11
C ILE A 13 -0.52 -5.22 11.14
N GLY A 14 0.68 -4.99 10.57
CA GLY A 14 1.69 -6.05 10.33
C GLY A 14 2.86 -5.42 9.56
N TYR A 15 2.55 -4.87 8.37
CA TYR A 15 3.48 -4.17 7.49
C TYR A 15 3.75 -2.76 8.03
N SER A 16 5.03 -2.39 8.11
CA SER A 16 5.51 -1.07 8.51
C SER A 16 6.64 -0.65 7.56
N GLY A 17 6.31 0.02 6.45
CA GLY A 17 7.27 0.47 5.46
C GLY A 17 6.62 1.40 4.43
N CYS A 18 6.89 1.16 3.14
CA CYS A 18 6.40 1.91 2.00
C CYS A 18 4.88 1.87 1.79
N LYS A 19 4.24 3.02 2.10
CA LYS A 19 2.90 3.39 1.63
C LYS A 19 2.92 3.94 0.20
N THR A 20 4.02 4.59 -0.22
CA THR A 20 4.17 5.29 -1.50
C THR A 20 4.05 4.31 -2.69
N CYS A 21 2.82 4.17 -3.21
CA CYS A 21 2.45 3.41 -4.40
C CYS A 21 3.08 4.04 -5.64
N THR A 22 3.49 3.23 -6.63
CA THR A 22 4.24 3.67 -7.81
C THR A 22 3.34 4.47 -8.77
N SER A 23 3.93 4.93 -9.87
CA SER A 23 3.25 5.68 -10.94
C SER A 23 2.03 4.91 -11.48
N GLY A 24 0.84 5.52 -11.40
CA GLY A 24 -0.43 4.94 -11.82
C GLY A 24 -1.16 4.15 -10.71
N THR A 25 -0.68 4.21 -9.46
CA THR A 25 -1.28 3.56 -8.29
C THR A 25 -1.25 4.50 -7.08
N THR A 26 -2.32 4.47 -6.28
CA THR A 26 -2.50 5.19 -5.02
C THR A 26 -2.85 4.21 -3.91
N CYS A 27 -2.51 4.57 -2.66
CA CYS A 27 -2.83 3.77 -1.47
C CYS A 27 -4.34 3.78 -1.27
N GLN A 28 -5.00 2.69 -1.66
CA GLN A 28 -6.44 2.45 -1.56
C GLN A 28 -6.73 1.59 -0.32
N TYR A 29 -8.04 1.35 -0.10
CA TYR A 29 -8.58 0.69 1.08
C TYR A 29 -9.65 -0.33 0.68
N SER A 30 -9.55 -1.55 1.23
CA SER A 30 -10.59 -2.57 1.16
C SER A 30 -10.99 -2.92 2.61
N ASN A 31 -10.11 -3.62 3.33
CA ASN A 31 -10.21 -3.89 4.76
C ASN A 31 -9.23 -2.99 5.54
N ASP A 32 -9.36 -2.98 6.87
CA ASP A 32 -8.43 -2.39 7.82
C ASP A 32 -7.03 -3.01 7.65
N TYR A 33 -6.96 -4.35 7.71
CA TYR A 33 -5.73 -5.13 7.62
C TYR A 33 -5.19 -5.18 6.18
N TYR A 34 -6.07 -5.12 5.15
CA TYR A 34 -5.72 -5.14 3.74
C TYR A 34 -6.06 -3.79 3.09
N SER A 35 -5.14 -2.82 3.20
CA SER A 35 -5.19 -1.54 2.47
C SER A 35 -4.00 -1.49 1.50
N GLN A 36 -4.28 -1.47 0.19
CA GLN A 36 -3.37 -1.88 -0.87
C GLN A 36 -3.21 -0.82 -1.97
N CYS A 37 -2.06 -0.82 -2.65
CA CYS A 37 -1.75 0.03 -3.81
C CYS A 37 -2.56 -0.39 -5.04
N LEU A 38 -3.37 0.52 -5.58
CA LEU A 38 -4.29 0.31 -6.69
C LEU A 38 -4.47 1.61 -7.49
N SER A 1 13.95 2.67 2.45
CA SER A 1 12.49 2.53 2.30
C SER A 1 12.07 2.41 0.83
N CYS A 2 10.92 1.76 0.62
CA CYS A 2 10.34 1.44 -0.68
C CYS A 2 9.23 2.44 -1.04
N THR A 3 9.06 2.71 -2.35
CA THR A 3 7.85 3.23 -2.96
C THR A 3 7.18 2.01 -3.61
N GLN A 4 6.05 1.56 -3.07
CA GLN A 4 5.58 0.20 -3.31
C GLN A 4 5.01 0.10 -4.73
N THR A 5 5.19 -1.04 -5.43
CA THR A 5 4.68 -1.24 -6.77
C THR A 5 3.15 -1.22 -6.81
N HIS A 6 2.65 -1.28 -8.04
CA HIS A 6 1.26 -1.57 -8.33
C HIS A 6 0.93 -2.94 -7.74
N TRP A 7 -0.14 -2.98 -6.93
CA TRP A 7 -0.46 -4.08 -6.01
C TRP A 7 0.66 -4.18 -4.95
N GLY A 8 0.47 -3.56 -3.77
CA GLY A 8 1.46 -3.46 -2.71
C GLY A 8 0.74 -3.10 -1.41
N GLN A 9 0.93 -3.91 -0.36
CA GLN A 9 0.23 -3.79 0.90
C GLN A 9 0.68 -2.53 1.66
N CYS A 10 -0.12 -1.48 1.51
CA CYS A 10 0.03 -0.20 2.18
C CYS A 10 -0.73 -0.19 3.53
N GLY A 11 -1.74 -1.06 3.68
CA GLY A 11 -2.48 -1.31 4.91
C GLY A 11 -1.65 -2.13 5.90
N GLY A 12 -2.31 -2.79 6.85
CA GLY A 12 -1.69 -3.77 7.72
C GLY A 12 -0.99 -3.08 8.89
N ILE A 13 -1.58 -3.19 10.09
CA ILE A 13 -0.99 -2.71 11.34
C ILE A 13 0.20 -3.64 11.66
N GLY A 14 1.40 -3.20 11.25
CA GLY A 14 2.63 -4.03 11.30
C GLY A 14 3.50 -3.68 10.09
N TYR A 15 3.00 -3.98 8.88
CA TYR A 15 3.62 -3.57 7.62
C TYR A 15 3.07 -2.18 7.24
N SER A 16 3.59 -1.14 7.92
CA SER A 16 3.39 0.25 7.56
C SER A 16 4.77 0.92 7.37
N GLY A 17 5.66 0.26 6.62
CA GLY A 17 6.97 0.76 6.22
C GLY A 17 6.78 1.55 4.91
N CYS A 18 6.78 0.83 3.78
CA CYS A 18 6.44 1.38 2.48
C CYS A 18 4.94 1.24 2.21
N LYS A 19 4.29 2.40 2.06
CA LYS A 19 2.87 2.61 1.79
C LYS A 19 2.65 3.43 0.51
N THR A 20 3.67 4.23 0.09
CA THR A 20 3.62 5.14 -1.04
C THR A 20 3.58 4.35 -2.36
N CYS A 21 2.37 4.08 -2.86
CA CYS A 21 2.06 3.43 -4.14
C CYS A 21 2.70 4.20 -5.30
N THR A 22 3.20 3.49 -6.33
CA THR A 22 3.96 4.11 -7.41
C THR A 22 3.05 4.93 -8.34
N SER A 23 3.65 5.65 -9.29
CA SER A 23 2.94 6.52 -10.24
C SER A 23 1.88 5.72 -11.02
N GLY A 24 0.63 6.22 -10.99
CA GLY A 24 -0.55 5.54 -11.52
C GLY A 24 -1.43 4.95 -10.40
N THR A 25 -0.80 4.43 -9.33
CA THR A 25 -1.46 3.74 -8.22
C THR A 25 -1.49 4.61 -6.96
N THR A 26 -2.63 4.56 -6.24
CA THR A 26 -2.83 5.12 -4.91
C THR A 26 -3.38 4.04 -3.97
N CYS A 27 -3.18 4.24 -2.65
CA CYS A 27 -3.48 3.28 -1.59
C CYS A 27 -4.99 3.18 -1.37
N GLN A 28 -5.62 2.21 -2.04
CA GLN A 28 -7.06 1.91 -2.02
C GLN A 28 -7.38 0.92 -0.89
N TYR A 29 -8.45 1.22 -0.14
CA TYR A 29 -8.84 0.53 1.09
C TYR A 29 -9.95 -0.49 0.82
N SER A 30 -9.79 -1.70 1.38
CA SER A 30 -10.81 -2.74 1.47
C SER A 30 -11.08 -2.99 2.97
N ASN A 31 -10.13 -3.65 3.65
CA ASN A 31 -10.10 -3.87 5.09
C ASN A 31 -9.11 -2.92 5.77
N ASP A 32 -9.14 -2.86 7.11
CA ASP A 32 -8.14 -2.22 7.96
C ASP A 32 -6.74 -2.77 7.65
N TYR A 33 -6.59 -4.10 7.75
CA TYR A 33 -5.32 -4.80 7.61
C TYR A 33 -4.91 -4.96 6.15
N TYR A 34 -5.86 -4.98 5.21
CA TYR A 34 -5.63 -5.08 3.77
C TYR A 34 -6.06 -3.78 3.08
N SER A 35 -5.08 -2.87 2.90
CA SER A 35 -5.16 -1.70 2.00
C SER A 35 -4.09 -1.94 0.92
N GLN A 36 -4.45 -1.80 -0.36
CA GLN A 36 -3.61 -2.19 -1.50
C GLN A 36 -3.47 -1.05 -2.52
N CYS A 37 -2.29 -0.98 -3.16
CA CYS A 37 -1.97 -0.05 -4.24
C CYS A 37 -2.69 -0.45 -5.52
N LEU A 38 -3.60 0.39 -6.01
CA LEU A 38 -4.46 0.12 -7.17
C LEU A 38 -4.70 1.41 -7.97
N SER A 1 10.95 5.16 2.70
CA SER A 1 9.82 4.51 2.01
C SER A 1 10.21 4.09 0.59
N CYS A 2 10.08 2.79 0.29
CA CYS A 2 10.17 2.24 -1.07
C CYS A 2 9.10 2.86 -1.99
N THR A 3 9.42 2.97 -3.28
CA THR A 3 8.48 3.27 -4.36
C THR A 3 7.76 1.96 -4.70
N GLN A 4 6.67 1.72 -3.95
CA GLN A 4 5.99 0.45 -3.80
C GLN A 4 5.19 0.14 -5.07
N THR A 5 5.34 -1.06 -5.65
CA THR A 5 4.73 -1.41 -6.94
C THR A 5 3.21 -1.38 -6.87
N HIS A 6 2.64 -1.46 -8.07
CA HIS A 6 1.23 -1.71 -8.29
C HIS A 6 0.91 -3.09 -7.71
N TRP A 7 -0.08 -3.11 -6.80
CA TRP A 7 -0.39 -4.22 -5.90
C TRP A 7 0.78 -4.38 -4.92
N GLY A 8 0.64 -3.83 -3.70
CA GLY A 8 1.72 -3.61 -2.74
C GLY A 8 1.11 -2.99 -1.50
N GLN A 9 1.28 -3.64 -0.34
CA GLN A 9 0.59 -3.26 0.88
C GLN A 9 1.07 -1.87 1.34
N CYS A 10 0.13 -1.10 1.90
CA CYS A 10 0.28 0.30 2.26
C CYS A 10 -0.52 0.67 3.54
N GLY A 11 -0.98 -0.34 4.30
CA GLY A 11 -1.75 -0.17 5.51
C GLY A 11 -2.13 -1.55 6.08
N GLY A 12 -1.95 -1.71 7.39
CA GLY A 12 -2.21 -2.93 8.12
C GLY A 12 -1.54 -2.93 9.49
N ILE A 13 -2.17 -3.58 10.49
CA ILE A 13 -1.67 -3.73 11.85
C ILE A 13 -0.71 -4.93 11.88
N GLY A 14 0.40 -4.82 11.14
CA GLY A 14 1.34 -5.94 10.91
C GLY A 14 2.46 -5.44 9.98
N TYR A 15 2.08 -5.07 8.74
CA TYR A 15 2.94 -4.47 7.74
C TYR A 15 3.28 -3.03 8.18
N SER A 16 4.58 -2.74 8.31
CA SER A 16 5.12 -1.44 8.70
C SER A 16 6.22 -1.06 7.71
N GLY A 17 5.80 -0.68 6.49
CA GLY A 17 6.67 -0.33 5.38
C GLY A 17 6.00 0.65 4.42
N CYS A 18 6.57 0.73 3.20
CA CYS A 18 6.16 1.60 2.12
C CYS A 18 4.65 1.64 1.86
N LYS A 19 4.08 2.84 2.03
CA LYS A 19 2.74 3.22 1.61
C LYS A 19 2.72 4.00 0.28
N THR A 20 3.87 4.60 -0.11
CA THR A 20 4.06 5.36 -1.35
C THR A 20 3.98 4.42 -2.57
N CYS A 21 2.76 4.19 -3.06
CA CYS A 21 2.42 3.50 -4.31
C CYS A 21 3.09 4.18 -5.51
N THR A 22 3.51 3.41 -6.53
CA THR A 22 4.25 3.92 -7.68
C THR A 22 3.33 4.75 -8.58
N SER A 23 3.92 5.45 -9.56
CA SER A 23 3.18 6.26 -10.55
C SER A 23 2.23 5.37 -11.35
N GLY A 24 0.92 5.68 -11.28
CA GLY A 24 -0.17 4.85 -11.79
C GLY A 24 -1.10 4.40 -10.65
N THR A 25 -0.55 4.08 -9.47
CA THR A 25 -1.26 3.55 -8.31
C THR A 25 -1.27 4.54 -7.14
N THR A 26 -2.36 4.49 -6.37
CA THR A 26 -2.58 5.16 -5.09
C THR A 26 -3.05 4.13 -4.05
N CYS A 27 -2.86 4.44 -2.75
CA CYS A 27 -3.15 3.52 -1.65
C CYS A 27 -4.66 3.46 -1.37
N GLN A 28 -5.30 2.35 -1.77
CA GLN A 28 -6.71 2.03 -1.61
C GLN A 28 -6.93 1.17 -0.36
N TYR A 29 -7.96 1.51 0.43
CA TYR A 29 -8.39 0.79 1.62
C TYR A 29 -9.50 -0.20 1.23
N SER A 30 -9.40 -1.45 1.72
CA SER A 30 -10.45 -2.46 1.60
C SER A 30 -11.01 -2.69 3.02
N ASN A 31 -10.29 -3.50 3.82
CA ASN A 31 -10.51 -3.68 5.25
C ASN A 31 -9.43 -3.01 6.10
N ASP A 32 -9.58 -3.09 7.43
CA ASP A 32 -8.67 -2.54 8.43
C ASP A 32 -7.21 -2.98 8.20
N TYR A 33 -7.00 -4.30 8.14
CA TYR A 33 -5.69 -4.92 8.05
C TYR A 33 -5.08 -4.84 6.64
N TYR A 34 -5.91 -4.77 5.58
CA TYR A 34 -5.50 -4.77 4.19
C TYR A 34 -5.83 -3.44 3.50
N SER A 35 -4.84 -2.55 3.37
CA SER A 35 -4.84 -1.45 2.40
C SER A 35 -3.75 -1.73 1.35
N GLN A 36 -4.09 -1.66 0.06
CA GLN A 36 -3.24 -2.05 -1.07
C GLN A 36 -3.16 -0.94 -2.14
N CYS A 37 -2.00 -0.87 -2.83
CA CYS A 37 -1.74 0.02 -3.95
C CYS A 37 -2.49 -0.42 -5.20
N LEU A 38 -3.41 0.41 -5.70
CA LEU A 38 -4.32 0.11 -6.81
C LEU A 38 -4.58 1.38 -7.64
N SER A 1 12.12 5.34 2.91
CA SER A 1 11.37 4.11 2.53
C SER A 1 11.14 4.02 1.03
N CYS A 2 10.95 2.77 0.56
CA CYS A 2 10.68 2.40 -0.82
C CYS A 2 9.40 3.05 -1.39
N THR A 3 9.26 3.01 -2.72
CA THR A 3 8.05 3.31 -3.46
C THR A 3 7.46 1.96 -3.87
N GLN A 4 6.24 1.64 -3.42
CA GLN A 4 5.70 0.29 -3.55
C GLN A 4 5.13 0.12 -4.97
N THR A 5 5.24 -1.09 -5.57
CA THR A 5 4.67 -1.37 -6.88
C THR A 5 3.14 -1.29 -6.84
N HIS A 6 2.58 -1.44 -8.03
CA HIS A 6 1.17 -1.73 -8.24
C HIS A 6 0.86 -3.04 -7.52
N TRP A 7 -0.18 -3.03 -6.67
CA TRP A 7 -0.47 -4.05 -5.67
C TRP A 7 0.65 -4.04 -4.60
N GLY A 8 0.44 -3.34 -3.48
CA GLY A 8 1.45 -3.10 -2.44
C GLY A 8 0.74 -2.56 -1.19
N GLN A 9 0.88 -3.28 -0.07
CA GLN A 9 0.19 -3.03 1.19
C GLN A 9 0.75 -1.81 1.91
N CYS A 10 -0.01 -0.72 2.00
CA CYS A 10 0.36 0.45 2.81
C CYS A 10 -0.20 0.33 4.23
N GLY A 11 -1.50 -0.01 4.34
CA GLY A 11 -2.24 -0.07 5.60
C GLY A 11 -2.46 -1.52 5.99
N GLY A 12 -1.47 -2.08 6.70
CA GLY A 12 -1.50 -3.37 7.36
C GLY A 12 -0.73 -3.27 8.69
N ILE A 13 -1.44 -3.46 9.81
CA ILE A 13 -0.92 -3.32 11.18
C ILE A 13 0.47 -3.96 11.45
N GLY A 14 0.88 -5.06 10.79
CA GLY A 14 2.25 -5.63 10.98
C GLY A 14 3.25 -4.98 10.01
N TYR A 15 2.85 -4.82 8.74
CA TYR A 15 3.62 -4.17 7.68
C TYR A 15 4.00 -2.73 8.10
N SER A 16 5.30 -2.46 8.23
CA SER A 16 5.87 -1.17 8.58
C SER A 16 7.06 -0.89 7.66
N GLY A 17 6.78 -0.46 6.41
CA GLY A 17 7.78 -0.16 5.40
C GLY A 17 7.28 0.96 4.48
N CYS A 18 7.16 0.65 3.18
CA CYS A 18 6.77 1.58 2.12
C CYS A 18 5.26 1.60 1.89
N LYS A 19 4.67 2.81 2.02
CA LYS A 19 3.28 3.13 1.75
C LYS A 19 3.08 3.59 0.30
N THR A 20 3.93 4.53 -0.16
CA THR A 20 3.76 5.32 -1.38
C THR A 20 3.75 4.43 -2.64
N CYS A 21 2.54 4.14 -3.16
CA CYS A 21 2.30 3.44 -4.42
C CYS A 21 2.94 4.16 -5.61
N THR A 22 3.28 3.41 -6.68
CA THR A 22 3.96 3.97 -7.86
C THR A 22 2.99 4.79 -8.72
N SER A 23 3.52 5.42 -9.78
CA SER A 23 2.75 6.26 -10.69
C SER A 23 1.61 5.46 -11.36
N GLY A 24 0.40 6.04 -11.36
CA GLY A 24 -0.82 5.39 -11.80
C GLY A 24 -1.63 4.82 -10.63
N THR A 25 -0.94 4.27 -9.61
CA THR A 25 -1.55 3.59 -8.46
C THR A 25 -1.55 4.51 -7.22
N THR A 26 -2.66 4.44 -6.46
CA THR A 26 -2.84 5.05 -5.14
C THR A 26 -3.26 3.96 -4.16
N CYS A 27 -2.89 4.09 -2.88
CA CYS A 27 -3.23 3.07 -1.87
C CYS A 27 -4.74 3.12 -1.60
N GLN A 28 -5.46 2.17 -2.21
CA GLN A 28 -6.89 1.94 -2.05
C GLN A 28 -7.15 1.16 -0.77
N TYR A 29 -8.45 0.93 -0.48
CA TYR A 29 -8.93 0.39 0.79
C TYR A 29 -10.03 -0.65 0.54
N SER A 30 -9.91 -1.81 1.20
CA SER A 30 -10.93 -2.83 1.31
C SER A 30 -11.20 -3.05 2.81
N ASN A 31 -10.23 -3.66 3.51
CA ASN A 31 -10.19 -3.81 4.97
C ASN A 31 -9.20 -2.80 5.57
N ASP A 32 -9.23 -2.68 6.91
CA ASP A 32 -8.23 -1.96 7.69
C ASP A 32 -6.85 -2.58 7.50
N TYR A 33 -6.76 -3.91 7.62
CA TYR A 33 -5.53 -4.69 7.55
C TYR A 33 -5.03 -4.83 6.10
N TYR A 34 -5.93 -4.82 5.11
CA TYR A 34 -5.61 -4.93 3.69
C TYR A 34 -5.97 -3.61 2.97
N SER A 35 -5.04 -2.66 2.96
CA SER A 35 -5.13 -1.41 2.17
C SER A 35 -3.99 -1.42 1.13
N GLN A 36 -4.34 -1.52 -0.16
CA GLN A 36 -3.45 -1.97 -1.23
C GLN A 36 -3.39 -0.98 -2.42
N CYS A 37 -2.21 -0.88 -3.05
CA CYS A 37 -1.95 -0.06 -4.24
C CYS A 37 -2.79 -0.52 -5.45
N LEU A 38 -3.64 0.37 -5.97
CA LEU A 38 -4.55 0.13 -7.08
C LEU A 38 -4.79 1.45 -7.84
N SER A 1 11.67 4.37 2.96
CA SER A 1 10.46 3.81 2.32
C SER A 1 10.63 3.71 0.81
N CYS A 2 10.46 2.50 0.25
CA CYS A 2 10.42 2.22 -1.18
C CYS A 2 9.30 2.99 -1.91
N THR A 3 9.45 3.16 -3.23
CA THR A 3 8.36 3.50 -4.13
C THR A 3 7.66 2.17 -4.46
N GLN A 4 6.52 1.95 -3.80
CA GLN A 4 5.86 0.66 -3.72
C GLN A 4 5.16 0.37 -5.06
N THR A 5 5.36 -0.80 -5.68
CA THR A 5 4.75 -1.13 -6.96
C THR A 5 3.23 -1.21 -6.87
N HIS A 6 2.64 -1.39 -8.06
CA HIS A 6 1.22 -1.68 -8.24
C HIS A 6 0.93 -3.03 -7.61
N TRP A 7 -0.10 -3.06 -6.75
CA TRP A 7 -0.41 -4.15 -5.82
C TRP A 7 0.71 -4.26 -4.78
N GLY A 8 0.50 -3.68 -3.59
CA GLY A 8 1.51 -3.55 -2.53
C GLY A 8 0.81 -3.03 -1.28
N GLN A 9 0.80 -3.85 -0.21
CA GLN A 9 0.13 -3.54 1.04
C GLN A 9 0.78 -2.30 1.66
N CYS A 10 0.08 -1.17 1.56
CA CYS A 10 0.54 0.17 1.93
C CYS A 10 0.21 0.49 3.38
N GLY A 11 -1.01 0.14 3.81
CA GLY A 11 -1.53 0.32 5.17
C GLY A 11 -1.94 -1.03 5.77
N GLY A 12 -1.70 -1.18 7.08
CA GLY A 12 -2.01 -2.38 7.85
C GLY A 12 -1.32 -2.39 9.21
N ILE A 13 -2.01 -2.88 10.24
CA ILE A 13 -1.51 -3.05 11.60
C ILE A 13 -0.78 -4.41 11.67
N GLY A 14 0.33 -4.51 10.92
CA GLY A 14 1.07 -5.79 10.75
C GLY A 14 2.29 -5.51 9.86
N TYR A 15 2.03 -5.11 8.60
CA TYR A 15 3.03 -4.66 7.65
C TYR A 15 3.61 -3.31 8.10
N SER A 16 4.94 -3.18 8.08
CA SER A 16 5.69 -2.01 8.51
C SER A 16 6.74 -1.69 7.45
N GLY A 17 6.31 -1.02 6.37
CA GLY A 17 7.16 -0.64 5.25
C GLY A 17 6.49 0.42 4.37
N CYS A 18 6.93 0.49 3.10
CA CYS A 18 6.53 1.45 2.08
C CYS A 18 5.01 1.54 1.88
N LYS A 19 4.49 2.78 1.99
CA LYS A 19 3.10 3.15 1.72
C LYS A 19 2.95 3.67 0.29
N THR A 20 3.89 4.53 -0.14
CA THR A 20 3.85 5.33 -1.36
C THR A 20 3.75 4.46 -2.61
N CYS A 21 2.53 4.26 -3.11
CA CYS A 21 2.20 3.57 -4.36
C CYS A 21 2.82 4.30 -5.57
N THR A 22 3.24 3.55 -6.60
CA THR A 22 3.98 4.09 -7.74
C THR A 22 3.05 4.90 -8.66
N SER A 23 3.63 5.52 -9.71
CA SER A 23 2.91 6.29 -10.71
C SER A 23 1.86 5.40 -11.41
N GLY A 24 0.57 5.78 -11.29
CA GLY A 24 -0.58 5.03 -11.78
C GLY A 24 -1.41 4.36 -10.68
N THR A 25 -0.86 4.25 -9.45
CA THR A 25 -1.49 3.61 -8.30
C THR A 25 -1.48 4.55 -7.08
N THR A 26 -2.59 4.52 -6.31
CA THR A 26 -2.74 5.15 -5.01
C THR A 26 -3.24 4.12 -3.98
N CYS A 27 -3.00 4.39 -2.69
CA CYS A 27 -3.22 3.48 -1.57
C CYS A 27 -4.72 3.36 -1.27
N GLN A 28 -5.37 2.34 -1.86
CA GLN A 28 -6.80 2.05 -1.76
C GLN A 28 -7.09 1.11 -0.59
N TYR A 29 -8.13 1.44 0.17
CA TYR A 29 -8.60 0.68 1.33
C TYR A 29 -9.52 -0.46 0.86
N SER A 30 -9.31 -1.67 1.42
CA SER A 30 -10.20 -2.81 1.29
C SER A 30 -10.68 -3.20 2.70
N ASN A 31 -9.79 -3.80 3.49
CA ASN A 31 -9.98 -4.10 4.91
C ASN A 31 -9.20 -3.10 5.78
N ASP A 32 -9.53 -3.10 7.08
CA ASP A 32 -8.81 -2.40 8.16
C ASP A 32 -7.30 -2.71 8.10
N TYR A 33 -6.97 -4.01 8.10
CA TYR A 33 -5.59 -4.51 8.07
C TYR A 33 -4.99 -4.49 6.65
N TYR A 34 -5.80 -4.63 5.58
CA TYR A 34 -5.32 -4.71 4.20
C TYR A 34 -5.73 -3.48 3.39
N SER A 35 -4.85 -2.47 3.34
CA SER A 35 -4.87 -1.39 2.35
C SER A 35 -3.80 -1.69 1.29
N GLN A 36 -4.15 -1.64 0.01
CA GLN A 36 -3.29 -2.03 -1.11
C GLN A 36 -3.23 -0.96 -2.21
N CYS A 37 -2.09 -0.87 -2.90
CA CYS A 37 -1.85 -0.01 -4.06
C CYS A 37 -2.63 -0.50 -5.28
N LEU A 38 -3.55 0.32 -5.81
CA LEU A 38 -4.43 -0.03 -6.92
C LEU A 38 -4.70 1.21 -7.80
N SER A 1 10.12 5.37 3.09
CA SER A 1 9.03 4.71 2.35
C SER A 1 9.47 4.40 0.91
N CYS A 2 9.62 3.10 0.59
CA CYS A 2 9.88 2.58 -0.76
C CYS A 2 8.84 3.08 -1.78
N THR A 3 9.26 3.21 -3.05
CA THR A 3 8.38 3.43 -4.19
C THR A 3 7.75 2.08 -4.54
N GLN A 4 6.67 1.76 -3.81
CA GLN A 4 6.03 0.46 -3.73
C GLN A 4 5.24 0.20 -5.01
N THR A 5 5.41 -0.98 -5.64
CA THR A 5 4.80 -1.27 -6.94
C THR A 5 3.28 -1.31 -6.86
N HIS A 6 2.71 -1.44 -8.05
CA HIS A 6 1.29 -1.72 -8.27
C HIS A 6 0.97 -3.07 -7.64
N TRP A 7 -0.05 -3.07 -6.78
CA TRP A 7 -0.36 -4.16 -5.84
C TRP A 7 0.77 -4.24 -4.80
N GLY A 8 0.55 -3.65 -3.62
CA GLY A 8 1.58 -3.38 -2.61
C GLY A 8 0.88 -2.93 -1.34
N GLN A 9 1.03 -3.72 -0.26
CA GLN A 9 0.28 -3.52 0.98
C GLN A 9 0.75 -2.23 1.66
N CYS A 10 -0.12 -1.22 1.64
CA CYS A 10 0.05 0.04 2.36
C CYS A 10 -0.55 -0.06 3.78
N GLY A 11 -1.61 -0.87 3.95
CA GLY A 11 -2.26 -1.14 5.23
C GLY A 11 -1.46 -2.14 6.08
N GLY A 12 -2.17 -3.01 6.81
CA GLY A 12 -1.59 -4.07 7.62
C GLY A 12 -1.11 -3.53 8.96
N ILE A 13 -1.82 -3.85 10.05
CA ILE A 13 -1.41 -3.59 11.43
C ILE A 13 -0.42 -4.72 11.81
N GLY A 14 0.75 -4.69 11.17
CA GLY A 14 1.69 -5.84 11.13
C GLY A 14 2.81 -5.49 10.15
N TYR A 15 2.43 -5.24 8.88
CA TYR A 15 3.27 -4.63 7.85
C TYR A 15 3.66 -3.21 8.29
N SER A 16 4.97 -2.92 8.30
CA SER A 16 5.53 -1.65 8.74
C SER A 16 6.58 -1.20 7.72
N GLY A 17 6.12 -0.57 6.63
CA GLY A 17 6.97 -0.06 5.57
C GLY A 17 6.17 0.84 4.61
N CYS A 18 6.46 0.69 3.31
CA CYS A 18 5.93 1.51 2.23
C CYS A 18 4.41 1.52 2.07
N LYS A 19 3.84 2.72 2.23
CA LYS A 19 2.51 3.14 1.81
C LYS A 19 2.54 3.82 0.43
N THR A 20 3.66 4.49 0.07
CA THR A 20 3.84 5.27 -1.15
C THR A 20 3.85 4.36 -2.39
N CYS A 21 2.65 4.14 -2.95
CA CYS A 21 2.37 3.45 -4.22
C CYS A 21 3.07 4.17 -5.39
N THR A 22 3.44 3.42 -6.45
CA THR A 22 4.22 3.95 -7.58
C THR A 22 3.34 4.82 -8.49
N SER A 23 3.96 5.47 -9.48
CA SER A 23 3.29 6.29 -10.49
C SER A 23 2.27 5.45 -11.28
N GLY A 24 0.98 5.78 -11.12
CA GLY A 24 -0.16 5.05 -11.69
C GLY A 24 -1.04 4.38 -10.62
N THR A 25 -0.56 4.26 -9.38
CA THR A 25 -1.25 3.61 -8.26
C THR A 25 -1.29 4.52 -7.01
N THR A 26 -2.39 4.40 -6.26
CA THR A 26 -2.66 5.06 -4.99
C THR A 26 -3.11 4.01 -3.96
N CYS A 27 -2.87 4.27 -2.67
CA CYS A 27 -3.21 3.39 -1.56
C CYS A 27 -4.73 3.33 -1.38
N GLN A 28 -5.36 2.30 -1.94
CA GLN A 28 -6.78 2.00 -1.88
C GLN A 28 -7.08 1.18 -0.62
N TYR A 29 -8.08 1.65 0.16
CA TYR A 29 -8.51 1.04 1.41
C TYR A 29 -9.67 0.08 1.15
N SER A 30 -9.61 -1.12 1.75
CA SER A 30 -10.70 -2.08 1.82
C SER A 30 -10.95 -2.42 3.29
N ASN A 31 -10.04 -3.20 3.89
CA ASN A 31 -9.97 -3.45 5.34
C ASN A 31 -8.84 -2.64 5.97
N ASP A 32 -8.85 -2.58 7.31
CA ASP A 32 -7.79 -2.04 8.15
C ASP A 32 -6.46 -2.76 7.86
N TYR A 33 -6.46 -4.09 7.89
CA TYR A 33 -5.29 -4.93 7.64
C TYR A 33 -4.97 -5.04 6.14
N TYR A 34 -5.97 -4.97 5.25
CA TYR A 34 -5.80 -5.08 3.80
C TYR A 34 -6.15 -3.74 3.14
N SER A 35 -5.14 -2.86 3.04
CA SER A 35 -5.12 -1.70 2.15
C SER A 35 -3.96 -1.88 1.16
N GLN A 36 -4.22 -1.68 -0.13
CA GLN A 36 -3.34 -2.10 -1.23
C GLN A 36 -3.25 -1.01 -2.32
N CYS A 37 -2.09 -0.93 -2.99
CA CYS A 37 -1.80 -0.03 -4.09
C CYS A 37 -2.55 -0.46 -5.36
N LEU A 38 -3.44 0.41 -5.87
CA LEU A 38 -4.30 0.16 -7.03
C LEU A 38 -4.50 1.45 -7.83
#